data_6MLK
#
_entry.id   6MLK
#
_cell.length_a   172.580
_cell.length_b   172.580
_cell.length_c   159.050
_cell.angle_alpha   90.000
_cell.angle_beta   90.000
_cell.angle_gamma   120.000
#
_symmetry.space_group_name_H-M   'H 3 2'
#
loop_
_entity.id
_entity.type
_entity.pdbx_description
1 polymer '6-deoxyerythronolide-B synthase EryA3, modules 5 and 6'
2 polymer 'Light chain of Fab 3A6'
3 polymer 'Heavy chain of Fab 3A6'
4 non-polymer 'CHLORIDE ION'
5 water water
#
loop_
_entity_poly.entity_id
_entity_poly.type
_entity_poly.pdbx_seq_one_letter_code
_entity_poly.pdbx_strand_id
1 'polypeptide(L)'
;MASQLDSGTPAREASSALRDGYRQAGVSGRVRSYLDLLAGLSDFREHFDGSDGFSLDLVDMADGPGEVTVICCAGTAAIS
GPHEFTRLAGALRGIAPVRAVPQPGYEEGEPLPSSMAAVAAVQADAVIRTQGDKPFVVAGHSAGALMAYALATELLDRGH
PPRGVVLIDVYPPGHQDAMNAWLEELTATLFDRETVRMDDTRLTALGAYDRLTGQWRPRETGLPTLLVSAGEPMGPWPDD
SWKPTWPFEHDTVAVPGDHFTMVQEHADAIARHIDAWLGGGNSSSVDKLAAALEHHHHHH
;
A
2 'polypeptide(L)'
;LFAIPLVVPFYSHSALDVVMTQSPLSLPVTPGEPASISCRSSQSLLHSNGYNYLDWYLQKPGQSPQLLIYLGSNRASGVP
DRFSGSGSGTDFTLKISRVEAEDVGVYYCMQGTHWPRTFGQGTKVEIKRTVAAPSVFIFPPSDEQLKSGTASVVCLLNNF
YPREAKVQWKVDNALQSGNSQESVTEQDSKDSTYSLSSTLTLSKADYEKHKVYACEVTHQGLSSPVTKSFNRGEC
;
L
3 'polypeptide(L)'
;MAQVQLQQWGAGLLKPSETLSLTCAVYGGSFSGYYWSWIRQPPGKGLEWIGEINHSGSTNYNPSLKSRVTISVDTSKNQF
SLKLSSVTAADTAVYYCARGLGYSGSYYAPNWGQGTLVTVSSASTKGPSVFPLAPSSKSTSGGTAALGCLVKDYFPEPVT
VSWNSGALTSGVHTFPAVLQSSGLYSLSSVVTVPSSSLGTQTYICNVNHKPSNTKVDKKVEPKSCAAAHHHHHHGAAEQK
LISEEDLNGAA
;
H
#
# COMPACT_ATOMS: atom_id res chain seq x y z
N SER A 16 17.70 -3.55 26.95
CA SER A 16 18.75 -2.70 26.40
C SER A 16 18.37 -2.00 25.08
N ALA A 17 19.24 -1.09 24.64
CA ALA A 17 18.98 -0.27 23.45
C ALA A 17 18.82 -1.11 22.16
N LEU A 18 19.74 -2.07 21.92
CA LEU A 18 19.61 -2.90 20.73
C LEU A 18 18.31 -3.69 20.75
N ARG A 19 17.98 -4.28 21.90
CA ARG A 19 16.75 -5.06 21.99
C ARG A 19 15.53 -4.18 21.73
N ASP A 20 15.51 -2.97 22.30
CA ASP A 20 14.39 -2.07 22.06
C ASP A 20 14.30 -1.65 20.59
N GLY A 21 15.44 -1.37 19.97
CA GLY A 21 15.43 -1.06 18.55
C GLY A 21 14.93 -2.21 17.70
N TYR A 22 15.30 -3.44 18.09
CA TYR A 22 14.82 -4.63 17.36
C TYR A 22 13.30 -4.70 17.41
N ARG A 23 12.74 -4.58 18.62
CA ARG A 23 11.28 -4.50 18.82
C ARG A 23 10.67 -3.43 17.91
N GLN A 24 11.22 -2.22 17.96
CA GLN A 24 10.65 -1.13 17.18
C GLN A 24 10.82 -1.39 15.68
N ALA A 25 11.95 -2.01 15.29
CA ALA A 25 12.10 -2.45 13.90
C ALA A 25 10.95 -3.33 13.46
N GLY A 26 10.51 -4.24 14.33
CA GLY A 26 9.41 -5.13 13.97
C GLY A 26 8.08 -4.42 13.79
N VAL A 27 7.77 -3.47 14.67
CA VAL A 27 6.46 -2.86 14.49
C VAL A 27 6.46 -1.76 13.43
N SER A 28 7.63 -1.26 13.03
CA SER A 28 7.68 -0.20 12.01
C SER A 28 8.07 -0.71 10.64
N GLY A 29 8.12 -2.03 10.45
CA GLY A 29 8.40 -2.53 9.11
C GLY A 29 9.82 -2.33 8.65
N ARG A 30 10.78 -2.23 9.56
CA ARG A 30 12.15 -1.95 9.17
C ARG A 30 13.13 -3.02 9.64
N VAL A 31 12.72 -4.30 9.67
CA VAL A 31 13.61 -5.34 10.17
C VAL A 31 14.83 -5.49 9.26
N ARG A 32 14.62 -5.46 7.94
CA ARG A 32 15.74 -5.68 7.02
C ARG A 32 16.85 -4.66 7.28
N SER A 33 16.51 -3.38 7.41
CA SER A 33 17.57 -2.38 7.63
C SER A 33 18.13 -2.45 9.05
N TYR A 34 17.33 -2.90 10.03
CA TYR A 34 17.91 -3.11 11.36
C TYR A 34 18.85 -4.31 11.38
N LEU A 35 18.50 -5.38 10.67
CA LEU A 35 19.44 -6.50 10.58
C LEU A 35 20.75 -6.06 9.95
N ASP A 36 20.67 -5.17 8.95
CA ASP A 36 21.89 -4.64 8.34
C ASP A 36 22.71 -3.82 9.34
N LEU A 37 22.05 -3.04 10.19
CA LEU A 37 22.77 -2.32 11.24
C LEU A 37 23.45 -3.29 12.20
N LEU A 38 22.73 -4.34 12.61
CA LEU A 38 23.35 -5.31 13.52
C LEU A 38 24.55 -6.01 12.88
N ALA A 39 24.43 -6.40 11.61
CA ALA A 39 25.58 -6.93 10.89
C ALA A 39 26.72 -5.93 10.89
N GLY A 40 26.41 -4.65 10.65
CA GLY A 40 27.46 -3.63 10.64
C GLY A 40 28.15 -3.50 11.97
N LEU A 41 27.38 -3.50 13.06
CA LEU A 41 27.96 -3.46 14.40
C LEU A 41 28.84 -4.67 14.64
N SER A 42 28.34 -5.86 14.26
CA SER A 42 29.04 -7.09 14.54
C SER A 42 30.43 -7.11 13.95
N ASP A 43 30.70 -6.23 12.98
CA ASP A 43 32.04 -6.11 12.40
C ASP A 43 33.01 -5.38 13.32
N PHE A 44 32.56 -4.97 14.51
CA PHE A 44 33.44 -4.38 15.50
C PHE A 44 33.68 -5.29 16.71
N ARG A 45 33.20 -6.54 16.66
CA ARG A 45 33.60 -7.62 17.56
C ARG A 45 34.79 -8.37 16.95
N GLU A 46 35.45 -9.19 17.76
CA GLU A 46 36.53 -9.97 17.17
C GLU A 46 35.97 -11.23 16.50
N HIS A 47 36.69 -11.72 15.51
CA HIS A 47 36.26 -12.83 14.67
C HIS A 47 37.31 -13.94 14.71
N PHE A 48 36.90 -15.11 14.26
CA PHE A 48 37.80 -16.21 14.01
C PHE A 48 37.58 -16.72 12.60
N ASP A 49 38.58 -17.40 12.09
CA ASP A 49 38.45 -18.02 10.78
C ASP A 49 38.64 -19.51 10.91
N GLY A 53 42.81 -20.57 15.81
CA GLY A 53 42.76 -21.82 16.55
C GLY A 53 41.67 -21.90 17.62
N PHE A 54 40.56 -21.21 17.40
CA PHE A 54 39.40 -21.24 18.30
C PHE A 54 38.71 -22.61 18.23
N SER A 55 38.01 -22.98 19.32
CA SER A 55 37.39 -24.30 19.42
C SER A 55 36.13 -24.22 20.27
N LEU A 56 35.22 -25.17 20.04
CA LEU A 56 33.96 -25.22 20.78
C LEU A 56 33.60 -26.66 21.14
N ASP A 57 32.56 -26.81 21.97
CA ASP A 57 32.16 -28.11 22.50
C ASP A 57 30.65 -28.32 22.39
N LEU A 58 30.24 -29.52 21.97
CA LEU A 58 28.84 -29.89 21.96
C LEU A 58 28.32 -30.02 23.38
N VAL A 59 27.01 -29.88 23.52
CA VAL A 59 26.35 -30.08 24.81
C VAL A 59 25.43 -31.29 24.68
N ASP A 60 25.53 -32.21 25.64
CA ASP A 60 24.71 -33.41 25.63
C ASP A 60 23.36 -33.10 26.25
N MET A 61 22.30 -33.60 25.64
CA MET A 61 20.95 -33.33 26.13
C MET A 61 20.36 -34.55 26.83
N GLY A 64 20.75 -41.38 26.53
CA GLY A 64 19.53 -42.03 26.09
C GLY A 64 19.76 -43.13 25.05
N PRO A 65 18.85 -44.10 24.98
CA PRO A 65 19.06 -45.22 24.07
C PRO A 65 18.84 -44.83 22.62
N GLY A 66 19.56 -45.51 21.76
CA GLY A 66 19.47 -45.35 20.32
C GLY A 66 20.82 -45.63 19.71
N GLU A 67 20.78 -46.14 18.47
CA GLU A 67 21.97 -46.47 17.70
C GLU A 67 22.58 -45.24 17.04
N VAL A 68 21.76 -44.35 16.48
CA VAL A 68 22.24 -43.17 15.75
C VAL A 68 21.90 -41.92 16.55
N THR A 69 22.91 -41.10 16.77
CA THR A 69 22.72 -39.86 17.52
C THR A 69 22.04 -38.81 16.63
N VAL A 70 21.12 -38.05 17.22
CA VAL A 70 20.55 -36.88 16.56
C VAL A 70 21.32 -35.67 17.05
N ILE A 71 22.09 -35.05 16.18
CA ILE A 71 22.90 -33.88 16.53
C ILE A 71 22.21 -32.62 16.04
N CYS A 72 22.00 -31.67 16.94
CA CYS A 72 21.20 -30.47 16.68
C CYS A 72 22.09 -29.25 16.56
N CYS A 73 21.92 -28.53 15.46
CA CYS A 73 22.57 -27.24 15.29
C CYS A 73 21.64 -26.14 15.79
N ALA A 74 22.12 -25.36 16.75
CA ALA A 74 21.34 -24.23 17.25
C ALA A 74 20.90 -23.33 16.10
N GLY A 75 19.74 -22.70 16.26
CA GLY A 75 19.30 -21.70 15.32
C GLY A 75 20.21 -20.49 15.38
N THR A 76 19.90 -19.52 14.51
CA THR A 76 20.60 -18.26 14.50
C THR A 76 19.73 -17.07 14.91
N ALA A 77 18.50 -17.31 15.38
CA ALA A 77 17.69 -16.21 15.91
C ALA A 77 18.27 -15.71 17.24
N ALA A 78 17.88 -14.50 17.63
CA ALA A 78 18.50 -13.89 18.79
C ALA A 78 18.23 -14.68 20.08
N ILE A 79 17.13 -15.43 20.13
CA ILE A 79 16.81 -16.23 21.31
C ILE A 79 17.30 -17.67 21.15
N SER A 80 18.14 -17.93 20.15
CA SER A 80 18.47 -19.32 19.85
C SER A 80 19.59 -19.86 20.75
N GLY A 81 19.69 -21.20 20.77
CA GLY A 81 20.75 -21.91 21.47
C GLY A 81 20.39 -23.36 21.79
N PRO A 82 21.30 -24.09 22.43
CA PRO A 82 21.00 -25.48 22.81
C PRO A 82 19.67 -25.68 23.52
N HIS A 83 19.23 -24.71 24.31
CA HIS A 83 18.01 -24.88 25.11
C HIS A 83 16.77 -25.07 24.23
N GLU A 84 16.78 -24.56 22.99
CA GLU A 84 15.60 -24.60 22.12
C GLU A 84 15.26 -26.00 21.63
N PHE A 85 16.09 -27.00 21.94
CA PHE A 85 15.82 -28.38 21.56
C PHE A 85 15.48 -29.25 22.75
N THR A 86 15.34 -28.64 23.93
CA THR A 86 15.08 -29.40 25.14
C THR A 86 13.85 -30.26 24.97
N ARG A 87 12.79 -29.71 24.37
CA ARG A 87 11.55 -30.47 24.27
C ARG A 87 11.65 -31.58 23.24
N LEU A 88 12.42 -31.40 22.16
CA LEU A 88 12.55 -32.46 21.18
C LEU A 88 13.53 -33.55 21.64
N ALA A 89 14.59 -33.18 22.37
CA ALA A 89 15.39 -34.19 23.04
C ALA A 89 14.51 -35.07 23.92
N GLY A 90 13.69 -34.47 24.78
CA GLY A 90 12.80 -35.25 25.63
C GLY A 90 11.88 -36.15 24.84
N ALA A 91 11.25 -35.61 23.79
CA ALA A 91 10.41 -36.44 22.94
C ALA A 91 11.20 -37.51 22.18
N LEU A 92 12.52 -37.36 22.06
CA LEU A 92 13.33 -38.35 21.33
C LEU A 92 13.91 -39.42 22.26
N ARG A 93 13.79 -39.23 23.57
CA ARG A 93 14.20 -40.25 24.52
C ARG A 93 13.60 -41.60 24.16
N GLY A 94 14.44 -42.61 24.09
CA GLY A 94 14.03 -43.92 23.64
C GLY A 94 14.12 -44.12 22.14
N ILE A 95 14.47 -43.08 21.39
CA ILE A 95 14.61 -43.16 19.94
C ILE A 95 16.05 -42.87 19.51
N ALA A 96 16.66 -41.80 20.05
CA ALA A 96 18.03 -41.45 19.72
C ALA A 96 18.58 -40.55 20.81
N PRO A 97 19.84 -40.70 21.19
CA PRO A 97 20.47 -39.68 22.02
C PRO A 97 20.55 -38.37 21.25
N VAL A 98 20.67 -37.26 21.99
CA VAL A 98 20.60 -35.94 21.39
C VAL A 98 21.77 -35.11 21.90
N ARG A 99 22.55 -34.55 20.98
CA ARG A 99 23.65 -33.65 21.27
C ARG A 99 23.42 -32.36 20.49
N ALA A 100 23.97 -31.25 20.99
CA ALA A 100 23.67 -29.95 20.40
C ALA A 100 24.95 -29.19 20.07
N VAL A 101 24.98 -28.62 18.87
CA VAL A 101 26.07 -27.78 18.41
C VAL A 101 25.67 -26.32 18.64
N PRO A 102 26.37 -25.58 19.48
CA PRO A 102 26.11 -24.14 19.60
C PRO A 102 26.67 -23.33 18.43
N GLN A 103 26.04 -22.18 18.16
CA GLN A 103 26.56 -21.25 17.17
C GLN A 103 27.52 -20.29 17.86
N PRO A 104 28.81 -20.32 17.53
CA PRO A 104 29.76 -19.48 18.25
C PRO A 104 29.42 -18.00 18.10
N GLY A 105 29.43 -17.30 19.25
CA GLY A 105 29.27 -15.86 19.30
C GLY A 105 27.98 -15.39 19.95
N TYR A 106 27.07 -16.30 20.27
CA TYR A 106 25.85 -15.91 20.94
C TYR A 106 26.02 -15.79 22.44
N GLU A 107 27.15 -16.24 22.98
CA GLU A 107 27.48 -16.09 24.39
C GLU A 107 28.55 -15.03 24.52
N GLU A 108 28.49 -14.26 25.61
CA GLU A 108 29.41 -13.13 25.79
C GLU A 108 30.84 -13.65 25.86
N GLY A 109 31.73 -12.98 25.11
CA GLY A 109 33.12 -13.37 25.01
C GLY A 109 33.46 -14.11 23.72
N GLU A 110 32.54 -14.90 23.18
CA GLU A 110 32.85 -15.71 22.00
C GLU A 110 33.05 -14.83 20.78
N PRO A 111 34.05 -15.11 19.95
CA PRO A 111 34.20 -14.39 18.69
C PRO A 111 33.16 -14.84 17.67
N LEU A 112 33.02 -14.06 16.61
CA LEU A 112 32.14 -14.39 15.51
C LEU A 112 32.92 -15.03 14.37
N PRO A 113 32.29 -15.88 13.55
CA PRO A 113 33.02 -16.45 12.41
C PRO A 113 33.14 -15.47 11.25
N SER A 114 34.30 -15.52 10.59
CA SER A 114 34.49 -14.74 9.38
C SER A 114 33.68 -15.28 8.19
N SER A 115 33.25 -16.55 8.22
CA SER A 115 32.47 -17.10 7.11
C SER A 115 31.71 -18.33 7.57
N MET A 116 30.85 -18.83 6.66
CA MET A 116 30.22 -20.14 6.89
C MET A 116 31.26 -21.23 6.99
N ALA A 117 32.32 -21.12 6.20
CA ALA A 117 33.39 -22.11 6.29
C ALA A 117 34.02 -22.09 7.67
N ALA A 118 34.18 -20.92 8.28
CA ALA A 118 34.87 -20.87 9.56
C ALA A 118 34.07 -21.55 10.66
N VAL A 119 32.74 -21.41 10.65
CA VAL A 119 31.94 -22.03 11.71
C VAL A 119 31.73 -23.52 11.44
N ALA A 120 31.60 -23.94 10.16
CA ALA A 120 31.50 -25.37 9.89
C ALA A 120 32.76 -26.12 10.32
N ALA A 121 33.94 -25.52 10.09
CA ALA A 121 35.20 -26.13 10.49
C ALA A 121 35.24 -26.42 11.99
N VAL A 122 35.03 -25.40 12.82
CA VAL A 122 35.16 -25.65 14.25
C VAL A 122 34.03 -26.51 14.76
N GLN A 123 32.85 -26.44 14.13
CA GLN A 123 31.76 -27.32 14.52
C GLN A 123 32.03 -28.75 14.08
N ALA A 124 32.47 -28.93 12.84
CA ALA A 124 32.84 -30.26 12.36
C ALA A 124 33.93 -30.86 13.23
N ASP A 125 34.90 -30.04 13.66
CA ASP A 125 35.92 -30.54 14.57
C ASP A 125 35.30 -31.15 15.81
N ALA A 126 34.37 -30.44 16.42
CA ALA A 126 33.85 -30.89 17.71
C ALA A 126 33.02 -32.14 17.56
N VAL A 127 32.34 -32.31 16.42
CA VAL A 127 31.58 -33.55 16.26
C VAL A 127 32.53 -34.72 16.08
N ILE A 128 33.58 -34.56 15.25
CA ILE A 128 34.47 -35.69 15.00
C ILE A 128 35.27 -36.04 16.25
N ARG A 129 35.68 -35.04 16.99
CA ARG A 129 36.37 -35.31 18.25
C ARG A 129 35.47 -35.86 19.31
N THR A 130 34.18 -36.19 19.09
CA THR A 130 33.38 -36.76 20.18
C THR A 130 32.34 -37.76 19.66
N GLN A 131 32.60 -38.41 18.54
CA GLN A 131 31.75 -39.52 18.10
C GLN A 131 32.55 -40.80 17.88
N LYS A 134 30.68 -44.22 15.46
CA LYS A 134 29.36 -43.97 16.06
C LYS A 134 28.52 -43.02 15.19
N PRO A 135 27.47 -43.55 14.58
CA PRO A 135 26.75 -42.80 13.55
C PRO A 135 25.82 -41.75 14.13
N PHE A 136 25.29 -40.93 13.23
CA PHE A 136 24.55 -39.73 13.63
C PHE A 136 23.83 -39.15 12.43
N VAL A 137 22.80 -38.36 12.71
CA VAL A 137 22.21 -37.46 11.74
C VAL A 137 22.33 -36.04 12.28
N VAL A 138 22.21 -35.08 11.38
CA VAL A 138 22.34 -33.67 11.74
C VAL A 138 20.99 -33.01 11.54
N ALA A 139 20.61 -32.15 12.48
CA ALA A 139 19.29 -31.56 12.53
C ALA A 139 19.38 -30.05 12.74
N GLY A 140 18.42 -29.32 12.17
CA GLY A 140 18.37 -27.88 12.40
C GLY A 140 16.99 -27.34 12.15
N HIS A 141 16.68 -26.22 12.81
CA HIS A 141 15.41 -25.53 12.66
C HIS A 141 15.61 -24.17 12.02
N SER A 142 14.82 -23.88 10.98
CA SER A 142 14.77 -22.57 10.31
C SER A 142 16.16 -22.23 9.77
N ALA A 143 16.75 -21.06 10.08
CA ALA A 143 18.13 -20.81 9.67
C ALA A 143 19.07 -21.85 10.27
N GLY A 144 18.76 -22.36 11.46
CA GLY A 144 19.50 -23.50 11.99
C GLY A 144 19.60 -24.64 10.97
N ALA A 145 18.53 -24.90 10.23
CA ALA A 145 18.60 -25.92 9.18
C ALA A 145 19.73 -25.64 8.19
N LEU A 146 19.91 -24.37 7.78
CA LEU A 146 20.96 -24.06 6.82
C LEU A 146 22.34 -24.28 7.44
N MET A 147 22.51 -23.93 8.71
CA MET A 147 23.76 -24.22 9.39
C MET A 147 23.99 -25.73 9.46
N ALA A 148 22.94 -26.48 9.79
CA ALA A 148 23.06 -27.93 9.88
C ALA A 148 23.48 -28.52 8.55
N TYR A 149 22.87 -28.09 7.45
CA TYR A 149 23.28 -28.63 6.16
C TYR A 149 24.70 -28.21 5.80
N ALA A 150 25.13 -27.00 6.18
CA ALA A 150 26.52 -26.66 5.92
C ALA A 150 27.46 -27.55 6.74
N LEU A 151 27.06 -27.86 7.97
CA LEU A 151 27.90 -28.69 8.82
C LEU A 151 28.00 -30.10 8.24
N ALA A 152 26.87 -30.67 7.82
CA ALA A 152 26.89 -31.97 7.18
C ALA A 152 27.67 -31.94 5.87
N THR A 153 27.56 -30.85 5.11
CA THR A 153 28.37 -30.76 3.90
C THR A 153 29.85 -30.86 4.26
N GLU A 154 30.28 -30.08 5.25
CA GLU A 154 31.66 -30.11 5.71
C GLU A 154 32.05 -31.46 6.30
N LEU A 155 31.11 -32.15 6.93
CA LEU A 155 31.46 -33.45 7.49
C LEU A 155 31.62 -34.50 6.40
N LEU A 156 30.75 -34.46 5.38
CA LEU A 156 30.88 -35.40 4.27
C LEU A 156 32.15 -35.11 3.48
N ASP A 157 32.53 -33.84 3.36
CA ASP A 157 33.79 -33.52 2.69
C ASP A 157 34.99 -34.08 3.44
N ARG A 158 34.94 -34.11 4.78
CA ARG A 158 36.04 -34.54 5.60
C ARG A 158 36.13 -36.05 5.80
N GLY A 159 35.15 -36.84 5.36
CA GLY A 159 35.19 -38.27 5.51
C GLY A 159 34.33 -38.86 6.62
N HIS A 160 33.62 -38.05 7.40
CA HIS A 160 32.78 -38.56 8.48
C HIS A 160 31.34 -38.09 8.27
N PRO A 161 30.69 -38.57 7.21
CA PRO A 161 29.39 -38.03 6.82
C PRO A 161 28.29 -38.60 7.68
N PRO A 162 27.33 -37.78 8.10
CA PRO A 162 26.17 -38.29 8.83
C PRO A 162 25.36 -39.21 7.93
N ARG A 163 24.47 -39.99 8.56
CA ARG A 163 23.56 -40.82 7.76
C ARG A 163 22.50 -39.98 7.04
N GLY A 164 22.24 -38.77 7.50
CA GLY A 164 21.28 -37.91 6.82
C GLY A 164 21.09 -36.61 7.57
N VAL A 165 20.19 -35.79 7.03
CA VAL A 165 19.92 -34.45 7.55
C VAL A 165 18.41 -34.28 7.68
N VAL A 166 17.98 -33.70 8.78
CA VAL A 166 16.58 -33.37 8.94
C VAL A 166 16.47 -31.85 9.01
N LEU A 167 15.77 -31.29 8.02
CA LEU A 167 15.63 -29.85 7.83
C LEU A 167 14.22 -29.49 8.28
N ILE A 168 14.12 -28.72 9.37
CA ILE A 168 12.85 -28.37 9.99
C ILE A 168 12.52 -26.93 9.64
N ASP A 169 11.49 -26.75 8.80
CA ASP A 169 11.06 -25.45 8.31
C ASP A 169 12.23 -24.63 7.76
N VAL A 170 12.86 -25.18 6.73
CA VAL A 170 13.97 -24.49 6.09
C VAL A 170 13.44 -23.64 4.94
N TYR A 171 13.89 -22.38 4.90
CA TYR A 171 13.65 -21.49 3.76
C TYR A 171 15.00 -21.11 3.16
N PRO A 172 15.46 -21.85 2.16
CA PRO A 172 16.78 -21.56 1.58
C PRO A 172 16.78 -20.19 0.93
N PRO A 173 17.95 -19.57 0.77
CA PRO A 173 18.03 -18.27 0.06
C PRO A 173 17.34 -18.33 -1.30
N GLY A 174 16.60 -17.26 -1.62
CA GLY A 174 15.80 -17.20 -2.83
C GLY A 174 14.38 -17.74 -2.70
N HIS A 175 14.02 -18.37 -1.58
CA HIS A 175 12.71 -18.96 -1.43
C HIS A 175 12.06 -18.51 -0.13
N GLN A 176 12.20 -17.22 0.18
CA GLN A 176 11.76 -16.68 1.47
C GLN A 176 10.77 -15.54 1.33
N ASP A 177 9.90 -15.60 0.32
CA ASP A 177 8.99 -14.47 0.13
C ASP A 177 7.99 -14.40 1.29
N ALA A 178 7.49 -15.56 1.72
CA ALA A 178 6.57 -15.61 2.85
C ALA A 178 7.20 -15.05 4.11
N MET A 179 8.40 -15.50 4.44
CA MET A 179 9.01 -15.07 5.69
C MET A 179 9.21 -13.55 5.69
N ASN A 180 9.60 -12.98 4.55
CA ASN A 180 9.80 -11.54 4.48
C ASN A 180 8.48 -10.80 4.62
N ALA A 181 7.40 -11.34 4.06
CA ALA A 181 6.12 -10.64 4.22
C ALA A 181 5.52 -10.78 5.62
N TRP A 182 6.09 -11.61 6.50
CA TRP A 182 5.54 -11.82 7.84
C TRP A 182 6.50 -11.34 8.92
N LEU A 183 7.42 -10.45 8.57
CA LEU A 183 8.48 -10.06 9.52
C LEU A 183 7.90 -9.42 10.76
N GLU A 184 6.75 -8.77 10.65
CA GLU A 184 6.19 -8.13 11.82
C GLU A 184 5.55 -9.18 12.73
N GLU A 185 4.83 -10.11 12.13
CA GLU A 185 4.27 -11.21 12.89
C GLU A 185 5.38 -12.03 13.56
N LEU A 186 6.41 -12.40 12.80
CA LEU A 186 7.47 -13.24 13.39
C LEU A 186 8.20 -12.48 14.50
N THR A 187 8.52 -11.21 14.25
CA THR A 187 9.30 -10.45 15.22
C THR A 187 8.53 -10.26 16.51
N ALA A 188 7.23 -9.99 16.43
CA ALA A 188 6.45 -9.90 17.65
C ALA A 188 6.33 -11.27 18.33
N THR A 189 6.17 -12.34 17.54
CA THR A 189 6.13 -13.67 18.12
C THR A 189 7.44 -14.04 18.81
N LEU A 190 8.59 -13.58 18.29
CA LEU A 190 9.86 -13.84 19.00
C LEU A 190 9.94 -13.12 20.33
N PHE A 191 9.24 -12.00 20.52
CA PHE A 191 9.28 -11.30 21.79
C PHE A 191 8.35 -11.93 22.81
N ASP A 192 7.27 -12.53 22.36
CA ASP A 192 6.42 -13.34 23.24
C ASP A 192 7.18 -14.54 23.77
N ARG A 193 7.88 -15.24 22.89
CA ARG A 193 8.57 -16.47 23.25
C ARG A 193 10.03 -16.24 23.60
N GLU A 194 10.38 -15.03 24.03
CA GLU A 194 11.75 -14.75 24.44
C GLU A 194 12.14 -15.59 25.65
N THR A 195 12.77 -16.75 25.41
CA THR A 195 13.10 -17.70 26.47
C THR A 195 14.44 -17.39 27.14
N VAL A 196 15.45 -17.00 26.37
CA VAL A 196 16.62 -16.28 26.88
C VAL A 196 16.48 -14.84 26.44
N ARG A 197 16.88 -13.89 27.29
CA ARG A 197 16.66 -12.51 26.89
C ARG A 197 17.70 -12.10 25.88
N MET A 198 17.22 -11.43 24.82
CA MET A 198 18.03 -10.99 23.69
C MET A 198 18.95 -9.86 24.13
N ASP A 199 20.16 -10.19 24.53
CA ASP A 199 21.12 -9.18 24.93
C ASP A 199 21.92 -8.74 23.70
N ASP A 200 22.86 -7.83 23.92
CA ASP A 200 23.59 -7.22 22.81
C ASP A 200 24.42 -8.24 22.05
N THR A 201 25.08 -9.13 22.79
CA THR A 201 25.89 -10.19 22.17
C THR A 201 25.05 -11.03 21.23
N ARG A 202 23.82 -11.37 21.65
CA ARG A 202 22.93 -12.14 20.80
C ARG A 202 22.51 -11.35 19.59
N LEU A 203 22.12 -10.09 19.79
CA LEU A 203 21.53 -9.33 18.71
C LEU A 203 22.53 -9.06 17.60
N THR A 204 23.78 -8.76 17.94
CA THR A 204 24.76 -8.56 16.87
C THR A 204 25.09 -9.89 16.20
N ALA A 205 25.14 -10.98 16.96
CA ALA A 205 25.40 -12.28 16.35
C ALA A 205 24.30 -12.60 15.33
N LEU A 206 23.05 -12.25 15.67
CA LEU A 206 21.94 -12.41 14.74
C LEU A 206 22.23 -11.66 13.45
N GLY A 207 22.69 -10.41 13.58
CA GLY A 207 23.05 -9.66 12.39
C GLY A 207 24.14 -10.33 11.58
N ALA A 208 25.15 -10.86 12.26
CA ALA A 208 26.31 -11.42 11.56
C ALA A 208 25.96 -12.77 10.92
N TYR A 209 25.17 -13.59 11.60
CA TYR A 209 24.82 -14.86 10.98
C TYR A 209 23.80 -14.66 9.87
N ASP A 210 22.90 -13.69 10.03
CA ASP A 210 21.89 -13.43 9.01
C ASP A 210 22.56 -13.01 7.70
N ARG A 211 23.63 -12.24 7.79
CA ARG A 211 24.33 -11.90 6.56
C ARG A 211 25.03 -13.13 5.97
N LEU A 212 25.66 -13.96 6.81
CA LEU A 212 26.37 -15.14 6.32
C LEU A 212 25.42 -16.12 5.62
N THR A 213 24.29 -16.44 6.25
CA THR A 213 23.37 -17.38 5.60
C THR A 213 22.71 -16.77 4.38
N GLY A 214 22.55 -15.44 4.34
CA GLY A 214 22.03 -14.82 3.13
C GLY A 214 22.97 -14.99 1.95
N GLN A 215 24.28 -14.95 2.22
CA GLN A 215 25.26 -15.08 1.15
C GLN A 215 25.50 -16.55 0.77
N TRP A 216 25.14 -17.49 1.63
CA TRP A 216 25.53 -18.87 1.44
C TRP A 216 24.60 -19.59 0.46
N ARG A 217 25.13 -20.62 -0.21
CA ARG A 217 24.36 -21.40 -1.17
C ARG A 217 24.63 -22.88 -0.94
N PRO A 218 23.61 -23.69 -0.66
CA PRO A 218 23.83 -25.11 -0.42
C PRO A 218 24.41 -25.81 -1.63
N ARG A 219 25.28 -26.78 -1.37
CA ARG A 219 25.83 -27.64 -2.40
C ARG A 219 25.18 -29.01 -2.34
N GLU A 220 24.93 -29.59 -3.51
CA GLU A 220 24.42 -30.96 -3.57
C GLU A 220 25.43 -31.90 -2.91
N THR A 221 24.92 -32.85 -2.13
CA THR A 221 25.75 -33.80 -1.41
C THR A 221 25.33 -35.25 -1.59
N GLY A 222 24.10 -35.51 -2.03
CA GLY A 222 23.59 -36.85 -2.10
C GLY A 222 23.13 -37.43 -0.78
N LEU A 223 23.15 -36.65 0.30
CA LEU A 223 22.75 -37.19 1.60
C LEU A 223 21.23 -37.32 1.68
N PRO A 224 20.74 -38.39 2.29
CA PRO A 224 19.29 -38.51 2.54
C PRO A 224 18.79 -37.34 3.37
N THR A 225 17.67 -36.77 2.96
CA THR A 225 17.20 -35.51 3.52
C THR A 225 15.72 -35.59 3.83
N LEU A 226 15.35 -35.20 5.05
CA LEU A 226 13.95 -35.16 5.49
C LEU A 226 13.54 -33.72 5.76
N LEU A 227 12.52 -33.25 5.04
CA LEU A 227 11.97 -31.92 5.24
C LEU A 227 10.79 -32.03 6.19
N VAL A 228 10.88 -31.36 7.32
CA VAL A 228 9.80 -31.33 8.30
C VAL A 228 9.15 -29.96 8.23
N SER A 229 8.00 -29.87 7.57
N SER A 229 8.00 -29.88 7.58
CA SER A 229 7.30 -28.63 7.31
CA SER A 229 7.34 -28.61 7.32
C SER A 229 6.17 -28.41 8.31
C SER A 229 6.16 -28.39 8.26
N ALA A 230 5.93 -27.13 8.62
CA ALA A 230 4.80 -26.79 9.47
C ALA A 230 3.49 -26.95 8.72
N GLY A 231 2.42 -27.16 9.49
CA GLY A 231 1.12 -27.34 8.90
C GLY A 231 0.36 -26.03 8.75
N GLU A 232 0.79 -25.01 9.49
CA GLU A 232 0.10 -23.75 9.62
C GLU A 232 1.00 -22.57 9.24
N PRO A 233 0.55 -21.69 8.35
CA PRO A 233 1.32 -20.48 8.04
C PRO A 233 1.36 -19.51 9.21
N MET A 234 2.38 -18.66 9.22
CA MET A 234 2.48 -17.60 10.21
C MET A 234 1.69 -16.35 9.82
N GLY A 235 1.13 -16.30 8.61
CA GLY A 235 0.35 -15.17 8.15
C GLY A 235 -0.50 -15.53 6.95
N PRO A 236 -1.33 -14.60 6.50
CA PRO A 236 -2.09 -14.81 5.26
C PRO A 236 -1.18 -15.18 4.08
N TRP A 237 -1.73 -15.96 3.14
CA TRP A 237 -1.00 -16.27 1.92
C TRP A 237 -1.99 -16.79 0.91
N PRO A 238 -1.82 -16.48 -0.38
CA PRO A 238 -2.85 -16.86 -1.36
C PRO A 238 -2.86 -18.33 -1.76
N ASP A 239 -1.77 -19.06 -1.55
CA ASP A 239 -1.70 -20.44 -2.02
C ASP A 239 -0.74 -21.22 -1.12
N ASP A 240 -0.32 -22.40 -1.58
CA ASP A 240 0.55 -23.28 -0.81
C ASP A 240 2.01 -22.87 -0.85
N SER A 241 2.39 -21.93 -1.71
CA SER A 241 3.79 -21.59 -1.94
C SER A 241 4.46 -20.95 -0.73
N TRP A 242 3.77 -20.81 0.39
CA TRP A 242 4.44 -20.31 1.59
C TRP A 242 5.30 -21.36 2.27
N LYS A 243 5.27 -22.62 1.81
CA LYS A 243 5.89 -23.69 2.59
C LYS A 243 7.41 -23.74 2.42
N PRO A 244 8.11 -24.37 3.34
CA PRO A 244 9.51 -24.71 3.10
C PRO A 244 9.74 -25.46 1.82
N THR A 245 10.98 -25.34 1.36
CA THR A 245 11.43 -25.78 0.06
C THR A 245 12.85 -26.28 0.21
N TRP A 246 13.22 -27.24 -0.64
CA TRP A 246 14.61 -27.62 -0.69
C TRP A 246 15.00 -27.97 -2.11
N PRO A 247 16.13 -27.47 -2.59
CA PRO A 247 16.45 -27.66 -4.02
C PRO A 247 16.93 -29.05 -4.40
N PHE A 248 17.37 -29.90 -3.47
CA PHE A 248 17.83 -31.24 -3.79
C PHE A 248 16.82 -32.28 -3.31
N GLU A 249 17.00 -33.52 -3.76
CA GLU A 249 16.00 -34.53 -3.49
C GLU A 249 15.86 -34.78 -1.99
N HIS A 250 14.64 -35.05 -1.56
CA HIS A 250 14.37 -35.15 -0.15
C HIS A 250 12.98 -35.74 0.02
N ASP A 251 12.75 -36.29 1.21
CA ASP A 251 11.40 -36.59 1.66
C ASP A 251 10.84 -35.41 2.43
N THR A 252 9.50 -35.31 2.48
CA THR A 252 8.79 -34.23 3.15
C THR A 252 7.70 -34.78 4.06
N VAL A 253 7.64 -34.27 5.29
CA VAL A 253 6.57 -34.58 6.24
C VAL A 253 6.08 -33.31 6.89
N ALA A 254 4.82 -33.30 7.27
CA ALA A 254 4.19 -32.16 7.90
C ALA A 254 3.86 -32.50 9.35
N VAL A 255 4.03 -31.52 10.23
CA VAL A 255 3.57 -31.71 11.59
C VAL A 255 2.56 -30.61 11.90
N PRO A 256 1.67 -30.83 12.84
CA PRO A 256 0.83 -29.74 13.33
C PRO A 256 1.69 -28.61 13.89
N GLY A 257 1.10 -27.42 13.91
CA GLY A 257 1.74 -26.25 14.47
C GLY A 257 2.23 -25.30 13.39
N ASP A 258 2.63 -24.11 13.85
CA ASP A 258 3.18 -23.09 12.98
C ASP A 258 4.70 -23.17 13.01
N HIS A 259 5.35 -22.18 12.40
CA HIS A 259 6.81 -22.11 12.33
C HIS A 259 7.49 -22.25 13.69
N PHE A 260 6.86 -21.75 14.76
CA PHE A 260 7.41 -21.79 16.11
C PHE A 260 6.98 -22.99 16.93
N THR A 261 5.69 -23.33 16.89
CA THR A 261 5.17 -24.36 17.78
C THR A 261 5.52 -25.77 17.31
N MET A 262 5.79 -25.93 16.02
CA MET A 262 6.04 -27.25 15.48
C MET A 262 7.14 -27.99 16.25
N VAL A 263 8.14 -27.26 16.75
CA VAL A 263 9.29 -27.87 17.40
C VAL A 263 9.21 -27.80 18.92
N GLN A 264 8.17 -27.17 19.48
CA GLN A 264 8.08 -27.05 20.91
C GLN A 264 6.87 -27.79 21.44
N GLU A 265 5.69 -27.16 21.39
CA GLU A 265 4.47 -27.84 21.80
C GLU A 265 4.18 -29.10 20.97
N HIS A 266 4.78 -29.23 19.78
CA HIS A 266 4.51 -30.39 18.93
C HIS A 266 5.75 -31.20 18.66
N ALA A 267 6.76 -31.05 19.52
CA ALA A 267 8.03 -31.78 19.38
C ALA A 267 7.82 -33.28 19.25
N ASP A 268 6.77 -33.82 19.87
CA ASP A 268 6.53 -35.26 19.80
C ASP A 268 6.13 -35.70 18.40
N ALA A 269 5.37 -34.88 17.67
CA ALA A 269 5.00 -35.23 16.30
C ALA A 269 6.24 -35.37 15.42
N ILE A 270 7.23 -34.50 15.63
CA ILE A 270 8.46 -34.54 14.86
C ILE A 270 9.28 -35.76 15.25
N ALA A 271 9.36 -36.03 16.56
CA ALA A 271 10.11 -37.18 17.03
C ALA A 271 9.63 -38.45 16.35
N ARG A 272 8.31 -38.61 16.21
CA ARG A 272 7.76 -39.82 15.60
C ARG A 272 8.14 -39.94 14.13
N HIS A 273 8.12 -38.82 13.41
CA HIS A 273 8.55 -38.83 12.01
C HIS A 273 10.03 -39.15 11.88
N ILE A 274 10.84 -38.67 12.83
CA ILE A 274 12.28 -38.95 12.84
C ILE A 274 12.52 -40.43 13.12
N ASP A 275 11.74 -41.00 14.04
CA ASP A 275 11.82 -42.42 14.30
C ASP A 275 11.53 -43.21 13.04
N ALA A 276 10.39 -42.95 12.40
CA ALA A 276 10.03 -43.67 11.19
C ALA A 276 11.13 -43.57 10.13
N TRP A 277 11.69 -42.38 9.95
CA TRP A 277 12.72 -42.13 8.95
C TRP A 277 14.02 -42.83 9.29
N LEU A 278 14.26 -43.16 10.56
CA LEU A 278 15.44 -43.88 11.00
C LEU A 278 15.24 -45.39 11.01
N GLY A 279 14.05 -45.88 10.67
CA GLY A 279 13.73 -47.29 10.80
C GLY A 279 12.58 -47.56 11.74
N LEU B 16 -14.24 -17.83 -3.41
CA LEU B 16 -15.19 -16.72 -3.45
C LEU B 16 -14.72 -15.49 -2.65
N ASP B 17 -14.89 -14.32 -3.25
CA ASP B 17 -14.32 -13.07 -2.74
C ASP B 17 -15.06 -12.54 -1.52
N VAL B 18 -14.28 -11.96 -0.59
CA VAL B 18 -14.86 -11.27 0.55
C VAL B 18 -15.63 -10.04 0.07
N VAL B 19 -16.82 -9.86 0.63
CA VAL B 19 -17.63 -8.67 0.38
C VAL B 19 -17.58 -7.84 1.65
N MET B 20 -17.14 -6.59 1.52
CA MET B 20 -17.02 -5.64 2.62
C MET B 20 -18.16 -4.64 2.51
N THR B 21 -18.98 -4.53 3.56
CA THR B 21 -20.09 -3.60 3.62
C THR B 21 -19.75 -2.51 4.63
N GLN B 22 -19.83 -1.26 4.20
CA GLN B 22 -19.54 -0.11 5.02
C GLN B 22 -20.83 0.60 5.41
N SER B 23 -20.85 1.13 6.63
CA SER B 23 -22.03 1.85 7.12
C SER B 23 -21.58 2.93 8.08
N PRO B 24 -22.19 4.14 8.01
CA PRO B 24 -23.14 4.53 6.96
C PRO B 24 -22.42 4.96 5.70
N LEU B 25 -23.07 4.92 4.53
CA LEU B 25 -22.43 5.38 3.31
C LEU B 25 -22.25 6.90 3.26
N SER B 26 -22.88 7.65 4.16
CA SER B 26 -22.80 9.11 4.19
C SER B 26 -22.94 9.58 5.63
N LEU B 27 -22.01 10.39 6.10
CA LEU B 27 -21.90 10.68 7.52
C LEU B 27 -21.61 12.16 7.78
N PRO B 28 -22.62 12.95 8.14
CA PRO B 28 -22.38 14.37 8.45
C PRO B 28 -22.17 14.59 9.94
N VAL B 29 -21.07 15.22 10.35
CA VAL B 29 -20.75 15.42 11.76
C VAL B 29 -20.41 16.89 12.01
N THR B 30 -20.99 17.45 13.06
CA THR B 30 -20.59 18.78 13.46
C THR B 30 -19.16 18.73 13.98
N PRO B 31 -18.32 19.72 13.67
CA PRO B 31 -16.90 19.61 14.00
C PRO B 31 -16.73 19.52 15.50
N GLY B 32 -15.65 18.86 15.92
CA GLY B 32 -15.46 18.63 17.33
C GLY B 32 -16.38 17.60 17.94
N GLU B 33 -17.34 17.08 17.19
CA GLU B 33 -18.03 15.87 17.60
C GLU B 33 -17.24 14.64 17.17
N PRO B 34 -17.54 13.48 17.75
CA PRO B 34 -16.96 12.23 17.25
C PRO B 34 -17.81 11.62 16.15
N ALA B 35 -17.22 10.64 15.47
CA ALA B 35 -17.87 9.94 14.39
C ALA B 35 -17.29 8.55 14.29
N SER B 36 -18.13 7.60 13.87
CA SER B 36 -17.72 6.22 13.76
C SER B 36 -18.24 5.66 12.44
N ILE B 37 -17.38 4.91 11.76
CA ILE B 37 -17.71 4.20 10.53
C ILE B 37 -17.56 2.72 10.80
N SER B 38 -18.54 1.92 10.39
CA SER B 38 -18.47 0.48 10.60
C SER B 38 -18.28 -0.23 9.27
N CYS B 39 -17.60 -1.37 9.30
CA CYS B 39 -17.53 -2.26 8.16
C CYS B 39 -17.63 -3.71 8.60
N ARG B 40 -18.37 -4.49 7.84
CA ARG B 40 -18.63 -5.89 8.13
C ARG B 40 -18.28 -6.73 6.92
N SER B 41 -17.31 -7.65 7.09
CA SER B 41 -16.90 -8.56 6.04
C SER B 41 -17.81 -9.79 5.99
N SER B 42 -17.83 -10.43 4.82
CA SER B 42 -18.63 -11.63 4.60
C SER B 42 -17.89 -12.91 4.97
N GLN B 43 -16.57 -12.86 5.11
CA GLN B 43 -15.80 -13.90 5.78
C GLN B 43 -14.94 -13.22 6.84
N SER B 44 -14.41 -14.02 7.74
CA SER B 44 -13.65 -13.47 8.86
C SER B 44 -12.29 -12.97 8.39
N LEU B 45 -11.90 -11.81 8.86
CA LEU B 45 -10.57 -11.26 8.62
C LEU B 45 -9.62 -11.64 9.74
N LEU B 46 -10.02 -12.55 10.61
CA LEU B 46 -9.14 -13.04 11.65
C LEU B 46 -8.31 -14.21 11.11
N HIS B 47 -7.03 -14.23 11.46
CA HIS B 47 -6.11 -15.25 10.98
C HIS B 47 -5.61 -16.06 12.17
N SER B 48 -5.23 -17.32 11.87
CA SER B 48 -4.65 -18.25 12.85
C SER B 48 -3.75 -17.55 13.85
N ASN B 49 -2.97 -16.58 13.37
CA ASN B 49 -1.90 -16.01 14.17
C ASN B 49 -2.43 -14.94 15.11
N GLY B 50 -3.70 -14.57 15.00
CA GLY B 50 -4.36 -13.67 15.92
C GLY B 50 -4.67 -12.29 15.36
N TYR B 51 -3.88 -11.81 14.40
CA TYR B 51 -4.04 -10.49 13.80
C TYR B 51 -5.27 -10.44 12.90
N ASN B 52 -5.82 -9.23 12.73
CA ASN B 52 -6.81 -8.97 11.70
C ASN B 52 -6.17 -8.13 10.60
N TYR B 53 -6.44 -8.48 9.35
CA TYR B 53 -5.80 -7.82 8.22
C TYR B 53 -6.89 -6.99 7.58
N LEU B 54 -7.10 -5.82 8.19
CA LEU B 54 -8.10 -4.85 7.79
C LEU B 54 -7.39 -3.50 7.77
N ASP B 55 -7.47 -2.81 6.63
CA ASP B 55 -6.89 -1.49 6.51
C ASP B 55 -7.99 -0.44 6.36
N TRP B 56 -7.69 0.78 6.80
CA TRP B 56 -8.53 1.93 6.50
C TRP B 56 -7.74 2.94 5.68
N TYR B 57 -8.36 3.47 4.62
CA TYR B 57 -7.76 4.51 3.79
C TYR B 57 -8.65 5.75 3.72
N LEU B 58 -8.01 6.92 3.66
CA LEU B 58 -8.69 8.19 3.47
C LEU B 58 -8.28 8.76 2.12
N GLN B 59 -9.26 8.99 1.27
CA GLN B 59 -9.04 9.74 0.04
C GLN B 59 -9.58 11.16 0.26
N LYS B 60 -8.67 12.12 0.47
CA LYS B 60 -9.09 13.52 0.58
C LYS B 60 -9.40 14.06 -0.81
N PRO B 61 -10.17 15.15 -0.92
CA PRO B 61 -10.54 15.66 -2.24
C PRO B 61 -9.32 15.92 -3.11
N GLY B 62 -9.37 15.42 -4.34
CA GLY B 62 -8.30 15.61 -5.28
C GLY B 62 -7.04 14.79 -5.05
N GLN B 63 -7.05 13.80 -4.15
CA GLN B 63 -5.82 13.10 -3.79
C GLN B 63 -5.98 11.59 -3.93
N SER B 64 -4.85 10.90 -3.84
CA SER B 64 -4.91 9.45 -3.83
C SER B 64 -5.26 8.95 -2.43
N PRO B 65 -5.95 7.81 -2.32
CA PRO B 65 -6.09 7.18 -1.00
C PRO B 65 -4.76 7.15 -0.25
N GLN B 66 -4.83 7.30 1.06
CA GLN B 66 -3.68 7.12 1.91
C GLN B 66 -4.06 6.30 3.12
N LEU B 67 -3.11 5.47 3.55
CA LEU B 67 -3.33 4.57 4.67
C LEU B 67 -3.43 5.35 5.97
N LEU B 68 -4.47 5.06 6.76
CA LEU B 68 -4.64 5.55 8.13
C LEU B 68 -4.44 4.44 9.16
N ILE B 69 -5.19 3.36 9.05
CA ILE B 69 -5.18 2.26 10.01
C ILE B 69 -4.79 0.99 9.25
N TYR B 70 -3.78 0.28 9.75
CA TYR B 70 -3.42 -1.04 9.24
C TYR B 70 -3.45 -2.08 10.35
N LEU B 71 -3.59 -3.34 9.95
CA LEU B 71 -3.74 -4.47 10.88
C LEU B 71 -4.80 -4.15 11.94
N GLY B 72 -5.99 -3.81 11.46
CA GLY B 72 -7.12 -3.50 12.33
C GLY B 72 -7.01 -2.29 13.23
N SER B 73 -5.87 -2.10 13.91
CA SER B 73 -5.86 -1.15 15.03
C SER B 73 -4.60 -0.30 15.12
N ASN B 74 -3.68 -0.39 14.18
CA ASN B 74 -2.42 0.34 14.23
C ASN B 74 -2.47 1.54 13.32
N ARG B 75 -1.86 2.63 13.76
CA ARG B 75 -1.90 3.86 13.01
C ARG B 75 -0.63 4.04 12.20
N ALA B 76 -0.80 4.36 10.91
CA ALA B 76 0.34 4.61 10.06
C ALA B 76 1.10 5.83 10.56
N SER B 77 2.32 5.99 10.09
CA SER B 77 3.09 7.18 10.47
C SER B 77 2.32 8.45 10.11
N GLY B 78 2.57 9.51 10.85
CA GLY B 78 1.94 10.79 10.53
C GLY B 78 0.44 10.87 10.73
N VAL B 79 -0.20 9.79 11.15
CA VAL B 79 -1.64 9.80 11.40
C VAL B 79 -1.91 10.36 12.79
N PRO B 80 -2.65 11.46 12.92
CA PRO B 80 -2.88 12.05 14.24
C PRO B 80 -3.74 11.16 15.12
N ASP B 81 -3.53 11.28 16.43
CA ASP B 81 -4.09 10.32 17.38
C ASP B 81 -5.61 10.39 17.54
N ARG B 82 -6.29 11.37 16.93
CA ARG B 82 -7.75 11.37 16.94
C ARG B 82 -8.33 10.18 16.18
N PHE B 83 -7.54 9.57 15.30
CA PHE B 83 -7.98 8.41 14.53
C PHE B 83 -7.61 7.14 15.30
N SER B 84 -8.52 6.19 15.29
CA SER B 84 -8.20 4.91 15.90
C SER B 84 -9.22 3.92 15.39
N GLY B 85 -8.77 2.68 15.22
CA GLY B 85 -9.65 1.65 14.76
C GLY B 85 -9.75 0.52 15.77
N SER B 86 -10.78 -0.30 15.61
CA SER B 86 -11.10 -1.38 16.53
C SER B 86 -11.93 -2.40 15.77
N GLY B 87 -12.08 -3.57 16.38
CA GLY B 87 -12.81 -4.67 15.79
C GLY B 87 -11.95 -5.91 15.66
N SER B 88 -12.60 -6.98 15.18
CA SER B 88 -11.94 -8.23 14.81
C SER B 88 -12.95 -9.20 14.21
N GLY B 89 -12.43 -10.17 13.46
CA GLY B 89 -13.24 -11.20 12.85
C GLY B 89 -14.09 -10.70 11.70
N THR B 90 -15.35 -10.34 12.00
CA THR B 90 -16.29 -9.99 10.95
C THR B 90 -16.78 -8.55 11.00
N ASP B 91 -16.63 -7.83 12.11
CA ASP B 91 -17.00 -6.42 12.12
C ASP B 91 -15.93 -5.57 12.78
N PHE B 92 -15.88 -4.31 12.35
CA PHE B 92 -14.79 -3.38 12.57
C PHE B 92 -15.35 -1.97 12.48
N THR B 93 -14.75 -1.06 13.22
CA THR B 93 -15.22 0.31 13.18
C THR B 93 -14.02 1.24 13.18
N LEU B 94 -14.18 2.38 12.53
CA LEU B 94 -13.21 3.46 12.60
C LEU B 94 -13.85 4.63 13.33
N LYS B 95 -13.08 5.23 14.23
CA LYS B 95 -13.62 6.29 15.07
C LYS B 95 -12.67 7.47 15.03
N ILE B 96 -13.21 8.65 14.82
CA ILE B 96 -12.49 9.90 14.99
C ILE B 96 -13.10 10.60 16.18
N SER B 97 -12.25 11.04 17.12
CA SER B 97 -12.77 11.60 18.36
C SER B 97 -13.21 13.05 18.16
N ARG B 98 -12.29 13.90 17.75
CA ARG B 98 -12.56 15.32 17.55
C ARG B 98 -12.38 15.60 16.05
N VAL B 99 -13.49 15.47 15.30
CA VAL B 99 -13.43 15.64 13.85
C VAL B 99 -13.05 17.07 13.50
N GLU B 100 -12.09 17.22 12.61
CA GLU B 100 -11.60 18.52 12.18
C GLU B 100 -11.86 18.71 10.68
N ALA B 101 -11.68 19.97 10.22
CA ALA B 101 -11.90 20.30 8.82
C ALA B 101 -11.06 19.44 7.88
N GLU B 102 -9.80 19.17 8.27
CA GLU B 102 -8.87 18.41 7.43
C GLU B 102 -9.36 16.99 7.17
N ASP B 103 -10.34 16.52 7.92
CA ASP B 103 -10.74 15.11 7.86
C ASP B 103 -11.85 14.86 6.86
N VAL B 104 -12.23 15.86 6.07
CA VAL B 104 -13.23 15.65 5.04
C VAL B 104 -12.64 14.78 3.93
N GLY B 105 -13.44 13.84 3.44
CA GLY B 105 -13.00 12.92 2.39
C GLY B 105 -13.82 11.63 2.40
N VAL B 106 -13.32 10.62 1.71
CA VAL B 106 -13.99 9.33 1.63
C VAL B 106 -13.10 8.28 2.28
N TYR B 107 -13.69 7.53 3.22
CA TYR B 107 -13.01 6.52 4.00
C TYR B 107 -13.39 5.15 3.46
N TYR B 108 -12.38 4.36 3.14
CA TYR B 108 -12.54 3.00 2.64
C TYR B 108 -11.88 2.05 3.61
N CYS B 109 -12.51 0.91 3.83
CA CYS B 109 -11.84 -0.20 4.46
C CYS B 109 -11.46 -1.20 3.38
N MET B 110 -10.43 -1.99 3.67
CA MET B 110 -9.99 -3.03 2.75
C MET B 110 -9.49 -4.21 3.57
N GLN B 111 -9.80 -5.41 3.11
CA GLN B 111 -9.39 -6.63 3.80
C GLN B 111 -8.13 -7.18 3.16
N GLY B 112 -7.23 -7.69 3.99
CA GLY B 112 -5.99 -8.27 3.44
C GLY B 112 -5.80 -9.75 3.73
N THR B 113 -6.75 -10.39 4.42
CA THR B 113 -6.55 -11.80 4.75
C THR B 113 -6.76 -12.69 3.55
N HIS B 114 -7.61 -12.30 2.62
CA HIS B 114 -7.86 -13.09 1.43
C HIS B 114 -7.36 -12.36 0.20
N TRP B 115 -7.21 -13.13 -0.88
CA TRP B 115 -6.93 -12.65 -2.22
C TRP B 115 -8.12 -13.02 -3.11
N PRO B 116 -8.56 -12.13 -4.00
CA PRO B 116 -8.16 -10.74 -4.16
C PRO B 116 -8.41 -9.88 -2.92
N ARG B 117 -7.64 -8.80 -2.77
CA ARG B 117 -7.99 -7.76 -1.82
C ARG B 117 -9.27 -7.07 -2.29
N THR B 118 -10.14 -6.73 -1.36
CA THR B 118 -11.44 -6.16 -1.71
C THR B 118 -11.74 -4.98 -0.80
N PHE B 119 -12.47 -3.99 -1.34
CA PHE B 119 -12.76 -2.75 -0.63
C PHE B 119 -14.24 -2.60 -0.31
N GLY B 120 -14.50 -1.94 0.81
CA GLY B 120 -15.84 -1.45 1.06
C GLY B 120 -16.21 -0.35 0.08
N GLN B 121 -17.51 -0.04 0.05
CA GLN B 121 -18.00 0.94 -0.92
C GLN B 121 -17.46 2.34 -0.67
N GLY B 122 -17.05 2.64 0.56
CA GLY B 122 -16.56 3.95 0.88
C GLY B 122 -17.64 4.76 1.57
N THR B 123 -17.27 5.54 2.58
CA THR B 123 -18.24 6.41 3.22
C THR B 123 -17.70 7.84 3.25
N LYS B 124 -18.55 8.78 2.83
CA LYS B 124 -18.15 10.17 2.70
C LYS B 124 -18.51 10.91 3.98
N VAL B 125 -17.54 11.64 4.51
CA VAL B 125 -17.72 12.39 5.73
C VAL B 125 -17.80 13.88 5.40
N GLU B 126 -18.94 14.49 5.72
CA GLU B 126 -19.19 15.91 5.53
C GLU B 126 -19.18 16.63 6.87
N ILE B 127 -18.50 17.74 6.92
CA ILE B 127 -18.42 18.54 8.13
C ILE B 127 -19.61 19.50 8.20
N LYS B 128 -20.46 19.30 9.21
CA LYS B 128 -21.64 20.14 9.44
C LYS B 128 -21.18 21.46 10.05
N ARG B 129 -20.99 22.47 9.23
CA ARG B 129 -20.53 23.77 9.71
C ARG B 129 -21.71 24.73 9.80
N THR B 130 -21.42 25.99 10.09
CA THR B 130 -22.51 26.97 10.15
C THR B 130 -22.96 27.35 8.74
N VAL B 131 -24.14 27.96 8.67
CA VAL B 131 -24.70 28.35 7.38
C VAL B 131 -23.92 29.53 6.82
N ALA B 132 -23.57 29.45 5.54
CA ALA B 132 -22.92 30.55 4.84
C ALA B 132 -23.63 30.73 3.51
N ALA B 133 -24.09 31.95 3.25
CA ALA B 133 -24.74 32.22 1.98
C ALA B 133 -23.70 32.36 0.87
N PRO B 134 -24.07 32.08 -0.37
CA PRO B 134 -23.12 32.23 -1.48
C PRO B 134 -22.96 33.67 -1.91
N SER B 135 -21.73 34.03 -2.28
CA SER B 135 -21.52 35.19 -3.14
C SER B 135 -21.80 34.77 -4.58
N VAL B 136 -22.55 35.58 -5.32
CA VAL B 136 -22.94 35.24 -6.67
C VAL B 136 -22.29 36.21 -7.66
N PHE B 137 -21.81 35.65 -8.77
CA PHE B 137 -21.21 36.40 -9.87
C PHE B 137 -21.68 35.81 -11.19
N ILE B 138 -21.94 36.68 -12.15
CA ILE B 138 -22.37 36.27 -13.48
C ILE B 138 -21.35 36.80 -14.49
N PHE B 139 -21.07 36.00 -15.51
CA PHE B 139 -20.06 36.30 -16.51
C PHE B 139 -20.65 36.17 -17.90
N PRO B 140 -20.69 37.23 -18.68
CA PRO B 140 -21.10 37.09 -20.07
C PRO B 140 -20.08 36.28 -20.85
N PRO B 141 -20.48 35.64 -21.94
CA PRO B 141 -19.49 35.00 -22.81
C PRO B 141 -18.52 36.04 -23.37
N SER B 142 -17.35 35.57 -23.74
CA SER B 142 -16.36 36.47 -24.32
C SER B 142 -16.65 36.67 -25.79
N ASP B 143 -16.20 37.83 -26.29
CA ASP B 143 -16.28 38.08 -27.73
C ASP B 143 -15.51 37.04 -28.52
N GLU B 144 -14.41 36.54 -27.96
CA GLU B 144 -13.65 35.52 -28.65
C GLU B 144 -14.51 34.28 -28.83
N GLN B 145 -15.19 33.84 -27.77
CA GLN B 145 -16.03 32.66 -27.91
C GLN B 145 -17.15 32.88 -28.93
N LEU B 146 -17.70 34.10 -29.05
CA LEU B 146 -18.82 34.30 -29.97
C LEU B 146 -18.39 34.07 -31.41
N LYS B 147 -17.16 34.44 -31.77
CA LYS B 147 -16.64 34.07 -33.09
C LYS B 147 -16.81 32.57 -33.38
N SER B 148 -17.03 31.73 -32.37
CA SER B 148 -17.18 30.30 -32.56
C SER B 148 -18.59 29.82 -32.91
N GLY B 149 -19.60 30.68 -32.81
CA GLY B 149 -20.96 30.20 -32.96
C GLY B 149 -21.65 29.82 -31.65
N THR B 150 -20.96 29.94 -30.52
CA THR B 150 -21.48 29.50 -29.23
C THR B 150 -21.25 30.57 -28.17
N ALA B 151 -22.17 30.65 -27.21
CA ALA B 151 -22.03 31.51 -26.04
C ALA B 151 -22.15 30.66 -24.79
N SER B 152 -21.14 30.70 -23.92
CA SER B 152 -21.29 30.14 -22.59
C SER B 152 -21.50 31.31 -21.62
N VAL B 153 -22.59 31.26 -20.87
CA VAL B 153 -22.88 32.24 -19.83
C VAL B 153 -22.73 31.52 -18.51
N VAL B 154 -21.91 32.08 -17.62
CA VAL B 154 -21.48 31.37 -16.42
C VAL B 154 -21.93 32.11 -15.16
N CYS B 155 -22.53 31.36 -14.23
CA CYS B 155 -23.00 31.85 -12.96
C CYS B 155 -22.24 31.12 -11.85
N LEU B 156 -21.57 31.88 -10.96
CA LEU B 156 -20.70 31.32 -9.93
C LEU B 156 -21.28 31.57 -8.55
N LEU B 157 -21.49 30.50 -7.79
CA LEU B 157 -21.88 30.54 -6.38
C LEU B 157 -20.66 30.13 -5.57
N ASN B 158 -20.15 31.06 -4.77
CA ASN B 158 -18.88 30.89 -4.08
C ASN B 158 -19.04 30.73 -2.56
N ASN B 159 -18.34 29.74 -2.01
CA ASN B 159 -18.15 29.51 -0.57
C ASN B 159 -19.46 29.60 0.22
N PHE B 160 -20.31 28.60 0.02
CA PHE B 160 -21.58 28.53 0.71
C PHE B 160 -21.71 27.20 1.44
N TYR B 161 -22.71 27.16 2.33
CA TYR B 161 -23.07 25.97 3.09
C TYR B 161 -24.48 26.15 3.57
N PRO B 162 -25.34 25.12 3.51
CA PRO B 162 -25.05 23.77 3.03
C PRO B 162 -25.06 23.65 1.50
N ARG B 163 -24.88 22.43 1.00
CA ARG B 163 -24.68 22.23 -0.44
C ARG B 163 -25.95 22.53 -1.24
N GLU B 164 -27.14 22.26 -0.68
CA GLU B 164 -28.38 22.50 -1.40
C GLU B 164 -28.48 23.93 -1.88
N ALA B 165 -28.69 24.11 -3.17
CA ALA B 165 -28.78 25.43 -3.77
C ALA B 165 -29.43 25.28 -5.16
N LYS B 166 -30.40 26.13 -5.48
CA LYS B 166 -31.01 26.10 -6.80
C LYS B 166 -30.60 27.33 -7.58
N VAL B 167 -30.06 27.08 -8.77
CA VAL B 167 -29.65 28.11 -9.72
C VAL B 167 -30.58 28.01 -10.92
N GLN B 168 -31.23 29.12 -11.25
CA GLN B 168 -32.19 29.15 -12.34
C GLN B 168 -31.79 30.22 -13.34
N TRP B 169 -31.73 29.85 -14.61
CA TRP B 169 -31.43 30.79 -15.66
C TRP B 169 -32.72 31.41 -16.18
N LYS B 170 -32.68 32.73 -16.43
CA LYS B 170 -33.81 33.46 -16.99
C LYS B 170 -33.27 34.38 -18.08
N VAL B 171 -33.71 34.14 -19.31
CA VAL B 171 -33.30 34.87 -20.52
C VAL B 171 -34.48 35.69 -20.99
N ASP B 172 -34.33 37.02 -21.00
CA ASP B 172 -35.45 37.93 -21.28
C ASP B 172 -36.67 37.53 -20.45
N ASN B 173 -36.43 37.10 -19.22
CA ASN B 173 -37.42 36.65 -18.26
C ASN B 173 -38.08 35.34 -18.65
N ALA B 174 -37.57 34.61 -19.65
CA ALA B 174 -38.06 33.26 -19.89
C ALA B 174 -37.16 32.30 -19.12
N LEU B 175 -37.74 31.55 -18.20
CA LEU B 175 -36.96 30.54 -17.51
C LEU B 175 -36.41 29.53 -18.51
N GLN B 176 -35.13 29.21 -18.38
CA GLN B 176 -34.46 28.23 -19.21
C GLN B 176 -34.52 26.85 -18.55
N SER B 177 -34.40 25.81 -19.37
CA SER B 177 -34.24 24.47 -18.82
C SER B 177 -33.57 23.58 -19.85
N GLY B 178 -32.83 22.58 -19.37
CA GLY B 178 -32.23 21.61 -20.25
C GLY B 178 -31.08 22.13 -21.09
N ASN B 179 -30.64 23.36 -20.86
CA ASN B 179 -29.51 23.94 -21.59
C ASN B 179 -28.45 24.48 -20.63
N SER B 180 -28.42 23.96 -19.41
CA SER B 180 -27.41 24.34 -18.44
C SER B 180 -26.87 23.10 -17.75
N GLN B 181 -25.63 23.18 -17.31
CA GLN B 181 -25.01 22.14 -16.52
C GLN B 181 -24.27 22.80 -15.36
N GLU B 182 -24.37 22.19 -14.17
CA GLU B 182 -23.68 22.66 -12.97
C GLU B 182 -22.46 21.78 -12.67
N SER B 183 -21.52 22.33 -11.90
CA SER B 183 -20.41 21.60 -11.31
C SER B 183 -20.16 22.13 -9.90
N VAL B 184 -19.92 21.23 -8.93
CA VAL B 184 -19.80 21.59 -7.52
C VAL B 184 -18.44 21.15 -7.00
N THR B 185 -17.72 22.06 -6.37
CA THR B 185 -16.47 21.64 -5.76
C THR B 185 -16.76 20.63 -4.66
N GLU B 186 -15.71 20.01 -4.16
CA GLU B 186 -15.90 19.25 -2.94
C GLU B 186 -15.76 20.18 -1.73
N GLN B 187 -16.20 19.70 -0.57
CA GLN B 187 -16.12 20.52 0.63
C GLN B 187 -14.68 20.95 0.86
N ASP B 188 -14.47 22.24 0.99
CA ASP B 188 -13.13 22.74 1.25
C ASP B 188 -12.59 22.15 2.56
N SER B 189 -11.28 21.98 2.61
CA SER B 189 -10.61 21.37 3.73
C SER B 189 -10.16 22.37 4.79
N LYS B 190 -10.32 23.68 4.54
CA LYS B 190 -9.99 24.68 5.55
C LYS B 190 -11.23 25.35 6.14
N ASP B 191 -12.22 25.71 5.31
CA ASP B 191 -13.39 26.45 5.80
C ASP B 191 -14.71 25.73 5.56
N SER B 192 -14.69 24.50 5.03
CA SER B 192 -15.84 23.60 4.96
C SER B 192 -16.96 24.08 4.03
N THR B 193 -16.69 24.98 3.08
CA THR B 193 -17.75 25.41 2.19
C THR B 193 -17.67 24.67 0.85
N TYR B 194 -18.70 24.88 0.04
CA TYR B 194 -18.74 24.48 -1.34
C TYR B 194 -18.78 25.70 -2.25
N SER B 195 -18.43 25.46 -3.51
CA SER B 195 -18.60 26.44 -4.56
C SER B 195 -19.25 25.73 -5.75
N LEU B 196 -19.95 26.50 -6.57
CA LEU B 196 -20.72 25.91 -7.66
C LEU B 196 -20.71 26.83 -8.87
N SER B 197 -20.60 26.24 -10.06
CA SER B 197 -20.77 26.95 -11.33
C SER B 197 -21.94 26.36 -12.09
N SER B 198 -22.70 27.22 -12.74
CA SER B 198 -23.77 26.81 -13.64
C SER B 198 -23.49 27.47 -14.97
N THR B 199 -23.60 26.71 -16.06
CA THR B 199 -23.20 27.22 -17.36
C THR B 199 -24.38 27.12 -18.33
N LEU B 200 -24.81 28.27 -18.84
CA LEU B 200 -25.86 28.31 -19.85
C LEU B 200 -25.20 28.35 -21.23
N THR B 201 -25.46 27.32 -22.04
CA THR B 201 -24.83 27.21 -23.35
C THR B 201 -25.87 27.51 -24.42
N LEU B 202 -25.60 28.53 -25.23
CA LEU B 202 -26.49 28.91 -26.33
C LEU B 202 -25.70 28.94 -27.63
N SER B 203 -26.41 28.75 -28.73
CA SER B 203 -25.86 29.15 -30.02
C SER B 203 -25.70 30.68 -30.05
N LYS B 204 -24.82 31.14 -30.93
CA LYS B 204 -24.63 32.58 -31.07
C LYS B 204 -25.92 33.24 -31.50
N ALA B 205 -26.55 32.71 -32.55
CA ALA B 205 -27.81 33.25 -33.04
C ALA B 205 -28.80 33.45 -31.89
N ASP B 206 -28.97 32.42 -31.07
CA ASP B 206 -29.93 32.54 -29.97
C ASP B 206 -29.44 33.52 -28.92
N TYR B 207 -28.13 33.61 -28.71
CA TYR B 207 -27.61 34.55 -27.72
C TYR B 207 -27.94 35.99 -28.10
N GLU B 208 -27.70 36.34 -29.37
CA GLU B 208 -27.91 37.69 -29.87
C GLU B 208 -29.37 37.98 -30.16
N LYS B 209 -30.24 37.00 -29.93
CA LYS B 209 -31.67 37.21 -30.09
C LYS B 209 -32.33 37.72 -28.82
N HIS B 210 -31.56 37.95 -27.76
CA HIS B 210 -32.13 38.39 -26.50
C HIS B 210 -31.18 39.36 -25.83
N LYS B 211 -31.66 40.00 -24.77
CA LYS B 211 -30.95 41.12 -24.17
C LYS B 211 -30.52 40.88 -22.74
N VAL B 212 -31.43 40.50 -21.85
CA VAL B 212 -31.13 40.42 -20.42
C VAL B 212 -30.93 38.96 -20.00
N TYR B 213 -29.78 38.68 -19.39
CA TYR B 213 -29.38 37.34 -18.99
C TYR B 213 -29.23 37.32 -17.48
N ALA B 214 -29.97 36.45 -16.80
CA ALA B 214 -29.96 36.45 -15.35
C ALA B 214 -29.90 35.03 -14.82
N CYS B 215 -29.25 34.88 -13.66
CA CYS B 215 -29.33 33.65 -12.87
C CYS B 215 -29.86 34.03 -11.51
N GLU B 216 -30.82 33.24 -11.01
CA GLU B 216 -31.43 33.46 -9.72
C GLU B 216 -31.04 32.32 -8.80
N VAL B 217 -30.63 32.67 -7.58
CA VAL B 217 -30.01 31.74 -6.65
C VAL B 217 -30.84 31.71 -5.39
N THR B 218 -31.30 30.51 -5.03
CA THR B 218 -32.08 30.30 -3.83
C THR B 218 -31.25 29.43 -2.91
N HIS B 219 -30.96 29.93 -1.72
CA HIS B 219 -30.17 29.18 -0.78
C HIS B 219 -30.71 29.41 0.62
N GLN B 220 -30.34 28.50 1.52
CA GLN B 220 -30.79 28.59 2.92
C GLN B 220 -30.26 29.84 3.60
N GLY B 221 -29.06 30.29 3.26
CA GLY B 221 -28.47 31.50 3.80
C GLY B 221 -28.95 32.80 3.19
N LEU B 222 -29.84 32.74 2.21
CA LEU B 222 -30.39 33.95 1.60
C LEU B 222 -31.82 34.07 2.07
N SER B 223 -32.15 35.18 2.74
CA SER B 223 -33.52 35.40 3.15
C SER B 223 -34.45 35.42 1.95
N SER B 224 -34.03 36.06 0.86
CA SER B 224 -34.75 36.05 -0.39
C SER B 224 -33.82 35.69 -1.54
N PRO B 225 -34.35 35.10 -2.61
CA PRO B 225 -33.51 34.77 -3.78
C PRO B 225 -32.74 35.95 -4.33
N VAL B 226 -31.53 35.67 -4.81
CA VAL B 226 -30.60 36.70 -5.29
C VAL B 226 -30.45 36.55 -6.80
N THR B 227 -30.55 37.68 -7.51
CA THR B 227 -30.48 37.73 -8.95
C THR B 227 -29.27 38.56 -9.35
N LYS B 228 -28.39 37.97 -10.17
CA LYS B 228 -27.38 38.75 -10.85
C LYS B 228 -27.66 38.67 -12.34
N SER B 229 -27.41 39.78 -13.05
CA SER B 229 -27.82 39.88 -14.44
C SER B 229 -26.94 40.88 -15.19
N PHE B 230 -26.99 40.78 -16.52
CA PHE B 230 -26.30 41.69 -17.41
C PHE B 230 -27.14 41.81 -18.68
N ASN B 231 -26.85 42.85 -19.46
CA ASN B 231 -27.49 43.16 -20.73
C ASN B 231 -26.50 42.98 -21.88
N ARG B 232 -26.99 42.44 -23.01
CA ARG B 232 -26.36 42.41 -24.35
C ARG B 232 -26.13 40.98 -24.81
N VAL C 4 10.53 5.55 -0.83
CA VAL C 4 9.80 6.56 -0.08
C VAL C 4 8.76 7.26 -1.00
N GLN C 5 8.99 7.31 -2.33
CA GLN C 5 8.07 8.00 -3.24
C GLN C 5 7.86 7.24 -4.55
N LEU C 6 6.62 7.29 -5.06
CA LEU C 6 6.21 6.61 -6.29
C LEU C 6 5.83 7.60 -7.39
N GLN C 7 6.36 7.41 -8.59
CA GLN C 7 5.99 8.21 -9.75
C GLN C 7 5.38 7.33 -10.83
N GLN C 8 4.36 7.85 -11.48
CA GLN C 8 3.47 7.08 -12.34
C GLN C 8 3.30 7.78 -13.68
N TRP C 9 3.40 7.04 -14.78
CA TRP C 9 3.16 7.63 -16.11
C TRP C 9 2.62 6.58 -17.07
N GLY C 10 2.08 7.04 -18.19
CA GLY C 10 1.46 6.16 -19.17
C GLY C 10 0.31 6.84 -19.91
N ALA C 11 -0.09 6.23 -21.01
CA ALA C 11 -1.02 6.88 -21.92
C ALA C 11 -2.42 6.92 -21.33
N GLY C 12 -3.11 8.04 -21.53
CA GLY C 12 -4.39 8.31 -20.91
C GLY C 12 -5.60 8.07 -21.79
N LEU C 13 -5.40 7.85 -23.07
CA LEU C 13 -6.51 7.61 -23.98
C LEU C 13 -6.18 6.44 -24.91
N LEU C 14 -7.09 5.49 -25.06
CA LEU C 14 -6.83 4.41 -26.01
C LEU C 14 -8.13 3.89 -26.60
N LYS C 15 -8.04 3.43 -27.85
CA LYS C 15 -9.22 2.91 -28.53
C LYS C 15 -9.60 1.55 -27.97
N PRO C 16 -10.88 1.16 -28.05
CA PRO C 16 -11.28 -0.16 -27.55
C PRO C 16 -10.53 -1.28 -28.26
N SER C 17 -10.41 -2.41 -27.56
CA SER C 17 -9.70 -3.62 -27.97
C SER C 17 -8.16 -3.44 -27.86
N GLU C 18 -7.66 -2.22 -27.69
CA GLU C 18 -6.22 -1.98 -27.56
C GLU C 18 -5.72 -2.40 -26.18
N THR C 19 -4.42 -2.20 -25.95
CA THR C 19 -3.75 -2.67 -24.73
C THR C 19 -3.31 -1.48 -23.89
N LEU C 20 -3.85 -1.37 -22.68
CA LEU C 20 -3.41 -0.36 -21.71
C LEU C 20 -2.01 -0.68 -21.19
N SER C 21 -1.18 0.35 -21.04
CA SER C 21 0.19 0.17 -20.58
C SER C 21 0.60 1.29 -19.61
N LEU C 22 0.90 0.93 -18.35
CA LEU C 22 1.32 1.90 -17.34
C LEU C 22 2.57 1.46 -16.60
N THR C 23 3.33 2.43 -16.13
CA THR C 23 4.57 2.16 -15.43
C THR C 23 4.65 2.98 -14.17
N CYS C 24 5.18 2.36 -13.12
CA CYS C 24 5.41 3.03 -11.85
C CYS C 24 6.88 2.91 -11.52
N ALA C 25 7.47 4.01 -11.07
CA ALA C 25 8.85 4.05 -10.63
C ALA C 25 8.90 4.31 -9.14
N VAL C 26 9.68 3.52 -8.42
CA VAL C 26 9.83 3.65 -6.99
C VAL C 26 11.16 4.36 -6.71
N TYR C 27 11.10 5.49 -6.03
CA TYR C 27 12.27 6.26 -5.66
C TYR C 27 12.47 6.16 -4.15
N GLY C 28 13.69 5.84 -3.73
CA GLY C 28 14.00 5.63 -2.34
C GLY C 28 14.12 4.18 -1.88
N GLY C 29 14.55 3.27 -2.74
CA GLY C 29 14.89 1.93 -2.26
C GLY C 29 13.73 1.16 -1.63
N SER C 30 14.11 0.16 -0.83
CA SER C 30 13.17 -0.79 -0.22
C SER C 30 12.30 -1.47 -1.27
N PHE C 31 12.87 -1.75 -2.44
CA PHE C 31 12.09 -2.38 -3.48
C PHE C 31 11.90 -3.88 -3.22
N SER C 32 12.86 -4.52 -2.59
CA SER C 32 12.93 -5.97 -2.56
C SER C 32 12.11 -6.61 -1.45
N GLY C 33 11.56 -5.83 -0.52
CA GLY C 33 10.89 -6.45 0.61
C GLY C 33 9.39 -6.57 0.51
N TYR C 34 8.78 -5.97 -0.51
CA TYR C 34 7.33 -5.88 -0.57
C TYR C 34 6.81 -6.31 -1.93
N TYR C 35 5.57 -6.77 -1.93
CA TYR C 35 4.77 -6.86 -3.14
C TYR C 35 4.29 -5.47 -3.51
N TRP C 36 4.17 -5.22 -4.82
CA TRP C 36 3.79 -3.91 -5.34
C TRP C 36 2.50 -4.04 -6.15
N SER C 37 1.49 -3.22 -5.84
CA SER C 37 0.12 -3.39 -6.31
C SER C 37 -0.27 -2.33 -7.33
N TRP C 38 -1.26 -2.68 -8.14
CA TRP C 38 -2.01 -1.74 -8.97
C TRP C 38 -3.47 -1.77 -8.55
N ILE C 39 -4.10 -0.60 -8.45
CA ILE C 39 -5.50 -0.46 -8.07
C ILE C 39 -6.15 0.46 -9.09
N ARG C 40 -7.47 0.30 -9.30
CA ARG C 40 -8.16 1.22 -10.18
C ARG C 40 -9.46 1.68 -9.55
N GLN C 41 -9.95 2.79 -10.05
CA GLN C 41 -11.14 3.45 -9.50
C GLN C 41 -11.88 4.09 -10.66
N PRO C 42 -12.95 3.45 -11.16
CA PRO C 42 -13.72 4.07 -12.23
C PRO C 42 -14.39 5.33 -11.73
N PRO C 43 -14.68 6.26 -12.62
CA PRO C 43 -15.29 7.54 -12.22
C PRO C 43 -16.52 7.34 -11.35
N GLY C 44 -16.52 8.02 -10.20
CA GLY C 44 -17.63 8.03 -9.29
C GLY C 44 -17.79 6.80 -8.44
N LYS C 45 -16.94 5.80 -8.61
CA LYS C 45 -17.13 4.51 -7.96
C LYS C 45 -15.97 4.26 -6.99
N GLY C 46 -15.89 3.04 -6.49
CA GLY C 46 -14.90 2.65 -5.50
C GLY C 46 -13.63 2.09 -6.11
N LEU C 47 -12.95 1.26 -5.32
CA LEU C 47 -11.60 0.79 -5.63
C LEU C 47 -11.62 -0.69 -5.95
N GLU C 48 -10.96 -1.07 -7.05
CA GLU C 48 -10.80 -2.46 -7.42
C GLU C 48 -9.31 -2.82 -7.48
N TRP C 49 -8.92 -3.80 -6.66
CA TRP C 49 -7.56 -4.33 -6.65
C TRP C 49 -7.32 -5.15 -7.91
N ILE C 50 -6.27 -4.81 -8.65
CA ILE C 50 -5.93 -5.47 -9.90
C ILE C 50 -4.99 -6.66 -9.68
N GLY C 51 -3.89 -6.46 -8.99
CA GLY C 51 -2.89 -7.48 -8.82
C GLY C 51 -1.64 -6.88 -8.22
N GLU C 52 -0.61 -7.70 -8.09
CA GLU C 52 0.61 -7.27 -7.44
C GLU C 52 1.76 -8.17 -7.86
N ILE C 53 2.98 -7.65 -7.69
CA ILE C 53 4.20 -8.34 -8.08
C ILE C 53 5.29 -8.02 -7.06
N ASN C 54 6.21 -8.96 -6.85
CA ASN C 54 7.39 -8.70 -6.01
C ASN C 54 8.62 -8.57 -6.90
N HIS C 55 9.80 -8.45 -6.28
CA HIS C 55 11.03 -8.24 -7.05
C HIS C 55 11.42 -9.46 -7.87
N SER C 56 11.12 -10.68 -7.39
CA SER C 56 11.45 -11.89 -8.14
C SER C 56 10.51 -12.10 -9.31
N GLY C 57 9.54 -11.21 -9.51
CA GLY C 57 8.55 -11.39 -10.55
C GLY C 57 7.36 -12.27 -10.21
N SER C 58 7.25 -12.80 -8.99
CA SER C 58 6.04 -13.53 -8.58
C SER C 58 4.84 -12.59 -8.58
N THR C 59 3.70 -13.15 -8.94
CA THR C 59 2.56 -12.35 -9.34
C THR C 59 1.29 -12.90 -8.71
N ASN C 60 0.46 -12.01 -8.15
CA ASN C 60 -0.89 -12.35 -7.69
C ASN C 60 -1.87 -11.47 -8.44
N TYR C 61 -2.90 -12.09 -9.01
CA TYR C 61 -3.86 -11.39 -9.87
C TYR C 61 -5.28 -11.48 -9.31
N ASN C 62 -6.09 -10.52 -9.72
CA ASN C 62 -7.49 -10.53 -9.38
C ASN C 62 -8.21 -11.45 -10.36
N PRO C 63 -8.87 -12.51 -9.91
CA PRO C 63 -9.48 -13.47 -10.86
C PRO C 63 -10.38 -12.81 -11.90
N SER C 64 -11.04 -11.69 -11.57
CA SER C 64 -11.88 -11.08 -12.59
C SER C 64 -11.09 -10.50 -13.75
N LEU C 65 -9.77 -10.31 -13.59
CA LEU C 65 -8.96 -9.71 -14.62
C LEU C 65 -7.82 -10.60 -15.10
N LYS C 66 -7.58 -11.75 -14.46
CA LYS C 66 -6.40 -12.57 -14.72
C LYS C 66 -6.19 -12.85 -16.20
N SER C 67 -7.28 -13.05 -16.96
CA SER C 67 -7.14 -13.40 -18.37
C SER C 67 -6.49 -12.27 -19.19
N ARG C 68 -6.69 -11.00 -18.83
CA ARG C 68 -6.19 -9.87 -19.63
C ARG C 68 -5.05 -9.09 -18.99
N VAL C 69 -4.66 -9.39 -17.75
CA VAL C 69 -3.74 -8.56 -17.00
C VAL C 69 -2.33 -9.16 -17.03
N THR C 70 -1.33 -8.29 -17.19
CA THR C 70 0.05 -8.69 -16.97
C THR C 70 0.78 -7.60 -16.20
N ILE C 71 1.40 -7.99 -15.09
CA ILE C 71 2.23 -7.11 -14.29
C ILE C 71 3.68 -7.59 -14.44
N SER C 72 4.57 -6.66 -14.74
CA SER C 72 5.99 -6.94 -14.92
C SER C 72 6.80 -6.09 -13.96
N VAL C 73 8.03 -6.52 -13.72
CA VAL C 73 8.95 -5.79 -12.86
C VAL C 73 10.30 -5.68 -13.57
N ASP C 74 10.93 -4.51 -13.46
CA ASP C 74 12.34 -4.37 -13.81
C ASP C 74 13.11 -3.91 -12.58
N THR C 75 13.73 -4.87 -11.89
CA THR C 75 14.50 -4.53 -10.70
C THR C 75 15.64 -3.57 -11.03
N SER C 76 16.16 -3.65 -12.26
CA SER C 76 17.27 -2.79 -12.68
C SER C 76 16.93 -1.32 -12.57
N LYS C 77 15.66 -0.94 -12.80
CA LYS C 77 15.25 0.46 -12.69
C LYS C 77 14.31 0.73 -11.50
N ASN C 78 14.07 -0.27 -10.64
CA ASN C 78 13.04 -0.17 -9.60
C ASN C 78 11.72 0.36 -10.17
N GLN C 79 11.27 -0.29 -11.25
CA GLN C 79 10.03 0.07 -11.91
C GLN C 79 9.18 -1.18 -12.04
N PHE C 80 7.87 -1.01 -11.90
CA PHE C 80 6.99 -2.12 -12.24
C PHE C 80 5.89 -1.59 -13.14
N SER C 81 5.35 -2.46 -14.00
CA SER C 81 4.44 -2.03 -15.05
C SER C 81 3.16 -2.85 -15.05
N LEU C 82 2.12 -2.22 -15.59
CA LEU C 82 0.80 -2.84 -15.75
C LEU C 82 0.44 -2.84 -17.22
N LYS C 83 0.02 -3.98 -17.73
CA LYS C 83 -0.57 -3.99 -19.06
C LYS C 83 -1.92 -4.69 -18.97
N LEU C 84 -2.93 -4.15 -19.65
CA LEU C 84 -4.27 -4.73 -19.65
C LEU C 84 -4.76 -4.78 -21.08
N SER C 85 -5.04 -5.97 -21.58
CA SER C 85 -5.28 -6.15 -23.01
C SER C 85 -6.78 -6.19 -23.30
N SER C 86 -7.10 -6.02 -24.60
CA SER C 86 -8.48 -6.11 -25.09
C SER C 86 -9.41 -5.25 -24.22
N VAL C 87 -9.14 -4.02 -24.30
CA VAL C 87 -9.70 -3.04 -23.38
C VAL C 87 -11.07 -2.55 -23.88
N THR C 88 -11.99 -2.25 -22.95
CA THR C 88 -13.29 -1.66 -23.31
C THR C 88 -13.62 -0.51 -22.36
N ALA C 89 -14.83 0.04 -22.54
CA ALA C 89 -15.24 1.21 -21.78
C ALA C 89 -15.30 0.93 -20.27
N ALA C 90 -15.52 -0.31 -19.87
CA ALA C 90 -15.51 -0.60 -18.44
C ALA C 90 -14.13 -0.54 -17.83
N ASP C 91 -13.08 -0.38 -18.62
CA ASP C 91 -11.74 -0.19 -18.08
C ASP C 91 -11.38 1.27 -17.90
N THR C 92 -12.27 2.19 -18.24
CA THR C 92 -12.01 3.59 -17.97
C THR C 92 -11.95 3.82 -16.46
N ALA C 93 -10.88 4.44 -15.98
CA ALA C 93 -10.69 4.56 -14.54
C ALA C 93 -9.44 5.38 -14.25
N VAL C 94 -9.26 5.73 -12.99
CA VAL C 94 -7.97 6.16 -12.45
C VAL C 94 -7.24 4.92 -11.92
N TYR C 95 -5.97 4.79 -12.29
CA TYR C 95 -5.13 3.67 -11.94
C TYR C 95 -4.05 4.14 -10.98
N TYR C 96 -3.91 3.47 -9.85
CA TYR C 96 -2.91 3.85 -8.87
C TYR C 96 -1.90 2.71 -8.69
N CYS C 97 -0.67 3.09 -8.35
CA CYS C 97 0.28 2.10 -7.85
C CYS C 97 0.49 2.32 -6.36
N ALA C 98 0.88 1.25 -5.67
CA ALA C 98 1.00 1.28 -4.22
C ALA C 98 1.91 0.15 -3.76
N ARG C 99 2.34 0.25 -2.52
CA ARG C 99 3.14 -0.81 -1.90
C ARG C 99 2.27 -1.68 -1.01
N GLY C 100 2.63 -2.97 -0.93
CA GLY C 100 2.13 -3.87 0.08
C GLY C 100 0.72 -3.72 0.64
N LEU C 101 -0.26 -3.52 -0.23
CA LEU C 101 -1.64 -3.41 0.24
C LEU C 101 -2.02 -4.63 1.07
N GLY C 102 -2.46 -4.39 2.31
CA GLY C 102 -3.03 -5.43 3.11
C GLY C 102 -2.05 -6.29 3.86
N TYR C 103 -0.75 -6.14 3.63
CA TYR C 103 0.24 -6.87 4.41
C TYR C 103 0.58 -6.12 5.70
N SER C 104 1.24 -6.82 6.61
CA SER C 104 1.79 -6.18 7.79
C SER C 104 2.98 -5.32 7.35
N GLY C 105 3.64 -4.69 8.31
CA GLY C 105 4.83 -3.95 7.94
C GLY C 105 4.59 -2.60 7.27
N SER C 106 3.37 -2.05 7.30
CA SER C 106 3.08 -0.88 6.48
C SER C 106 3.03 0.46 7.26
N TYR C 107 3.67 0.54 8.44
CA TYR C 107 3.66 1.78 9.21
C TYR C 107 4.24 2.94 8.42
N TYR C 108 5.35 2.69 7.70
CA TYR C 108 6.01 3.68 6.86
C TYR C 108 5.67 3.52 5.38
N ALA C 109 4.46 3.06 5.06
CA ALA C 109 4.07 2.86 3.67
C ALA C 109 4.17 4.18 2.90
N PRO C 110 4.69 4.16 1.67
CA PRO C 110 4.69 5.38 0.84
C PRO C 110 3.28 5.75 0.38
N ASN C 111 3.10 7.04 0.08
CA ASN C 111 1.86 7.45 -0.57
C ASN C 111 1.67 6.71 -1.89
N TRP C 112 0.41 6.47 -2.23
CA TRP C 112 0.11 5.96 -3.55
C TRP C 112 0.58 6.93 -4.61
N GLY C 113 0.98 6.39 -5.76
CA GLY C 113 1.09 7.17 -6.98
C GLY C 113 -0.11 8.11 -7.14
N GLN C 114 0.10 9.21 -7.84
CA GLN C 114 -0.94 10.21 -7.96
C GLN C 114 -2.03 9.79 -8.91
N GLY C 115 -1.84 8.68 -9.63
CA GLY C 115 -2.90 8.09 -10.41
C GLY C 115 -3.05 8.65 -11.81
N THR C 116 -3.00 7.81 -12.84
CA THR C 116 -3.23 8.30 -14.18
C THR C 116 -4.62 7.89 -14.64
N LEU C 117 -5.40 8.86 -15.10
CA LEU C 117 -6.72 8.59 -15.65
C LEU C 117 -6.59 7.97 -17.04
N VAL C 118 -7.27 6.85 -17.25
CA VAL C 118 -7.24 6.20 -18.55
C VAL C 118 -8.67 6.12 -19.07
N THR C 119 -8.87 6.67 -20.25
CA THR C 119 -10.15 6.71 -20.93
C THR C 119 -10.08 5.79 -22.14
N VAL C 120 -11.14 5.02 -22.34
CA VAL C 120 -11.24 4.14 -23.50
C VAL C 120 -12.36 4.65 -24.37
N SER C 121 -12.03 4.97 -25.61
CA SER C 121 -12.99 5.54 -26.54
C SER C 121 -12.34 5.54 -27.92
N SER C 122 -13.18 5.58 -28.95
CA SER C 122 -12.66 5.76 -30.31
C SER C 122 -12.53 7.23 -30.70
N ALA C 123 -13.07 8.16 -29.91
CA ALA C 123 -12.88 9.57 -30.20
C ALA C 123 -11.42 9.95 -29.99
N SER C 124 -10.90 10.81 -30.87
CA SER C 124 -9.51 11.22 -30.84
C SER C 124 -9.31 12.43 -29.93
N THR C 125 -8.06 12.72 -29.59
CA THR C 125 -7.82 13.77 -28.63
C THR C 125 -8.14 15.14 -29.22
N LYS C 126 -8.62 16.04 -28.36
CA LYS C 126 -8.82 17.43 -28.72
C LYS C 126 -8.31 18.31 -27.58
N GLY C 127 -7.45 19.27 -27.91
CA GLY C 127 -6.99 20.24 -26.95
C GLY C 127 -8.05 21.31 -26.69
N PRO C 128 -7.95 22.01 -25.57
CA PRO C 128 -9.01 22.95 -25.18
C PRO C 128 -8.87 24.36 -25.73
N SER C 129 -10.01 25.01 -25.83
CA SER C 129 -10.09 26.45 -26.03
C SER C 129 -10.28 27.06 -24.66
N VAL C 130 -9.67 28.22 -24.45
CA VAL C 130 -9.60 28.87 -23.15
C VAL C 130 -10.18 30.27 -23.31
N PHE C 131 -11.22 30.57 -22.55
CA PHE C 131 -11.78 31.89 -22.70
C PHE C 131 -11.78 32.58 -21.35
N PRO C 132 -11.67 33.91 -21.32
CA PRO C 132 -11.62 34.63 -20.05
C PRO C 132 -13.01 34.73 -19.42
N LEU C 133 -13.04 34.67 -18.10
CA LEU C 133 -14.21 35.10 -17.34
C LEU C 133 -13.80 36.46 -16.73
N ALA C 134 -14.13 37.53 -17.42
CA ALA C 134 -13.58 38.82 -17.06
C ALA C 134 -14.17 39.31 -15.74
N PRO C 135 -13.36 39.90 -14.87
CA PRO C 135 -13.91 40.57 -13.69
C PRO C 135 -14.84 41.71 -14.10
N SER C 136 -16.00 41.79 -13.46
CA SER C 136 -16.93 42.87 -13.74
C SER C 136 -16.71 44.07 -12.79
N SER C 137 -17.71 44.97 -12.75
CA SER C 137 -17.70 46.17 -11.89
C SER C 137 -19.03 46.36 -11.17
N THR C 144 -13.87 43.15 -3.37
CA THR C 144 -13.62 41.75 -3.76
C THR C 144 -14.23 41.34 -5.11
N ALA C 145 -13.37 40.88 -6.02
CA ALA C 145 -13.76 40.58 -7.38
C ALA C 145 -13.43 39.13 -7.75
N ALA C 146 -14.31 38.53 -8.54
CA ALA C 146 -14.06 37.21 -9.10
C ALA C 146 -13.67 37.32 -10.57
N LEU C 147 -12.70 36.49 -10.97
CA LEU C 147 -12.35 36.32 -12.36
C LEU C 147 -11.97 34.85 -12.56
N GLY C 148 -11.82 34.43 -13.81
CA GLY C 148 -11.63 33.02 -14.08
C GLY C 148 -11.27 32.74 -15.53
N CYS C 149 -11.15 31.46 -15.82
CA CYS C 149 -10.88 30.91 -17.14
C CYS C 149 -11.91 29.84 -17.44
N LEU C 150 -12.45 29.86 -18.65
CA LEU C 150 -13.36 28.83 -19.14
C LEU C 150 -12.59 27.92 -20.09
N VAL C 151 -12.44 26.66 -19.72
CA VAL C 151 -11.64 25.71 -20.49
C VAL C 151 -12.64 24.80 -21.23
N LYS C 152 -12.80 25.03 -22.52
CA LYS C 152 -13.94 24.51 -23.28
C LYS C 152 -13.49 23.48 -24.31
N ASP C 153 -14.19 22.34 -24.36
CA ASP C 153 -14.21 21.44 -25.53
C ASP C 153 -12.91 20.67 -25.70
N TYR C 154 -12.49 19.98 -24.67
CA TYR C 154 -11.32 19.14 -24.76
C TYR C 154 -11.71 17.68 -24.53
N PHE C 155 -10.84 16.77 -24.98
CA PHE C 155 -11.02 15.34 -24.82
C PHE C 155 -9.66 14.67 -24.88
N PRO C 156 -9.37 13.71 -23.98
CA PRO C 156 -10.15 13.42 -22.78
C PRO C 156 -9.74 14.26 -21.56
N GLU C 157 -10.23 13.85 -20.40
CA GLU C 157 -9.72 14.33 -19.13
C GLU C 157 -8.31 13.77 -18.86
N PRO C 158 -7.50 14.47 -18.05
CA PRO C 158 -7.83 15.71 -17.32
C PRO C 158 -7.06 16.93 -17.81
N VAL C 159 -7.62 18.13 -17.63
CA VAL C 159 -6.82 19.34 -17.63
C VAL C 159 -6.53 19.69 -16.19
N THR C 160 -5.34 20.23 -15.94
CA THR C 160 -5.08 20.93 -14.69
C THR C 160 -4.93 22.42 -14.94
N VAL C 161 -5.29 23.21 -13.95
CA VAL C 161 -5.19 24.66 -13.99
C VAL C 161 -4.41 25.11 -12.76
N SER C 162 -3.51 26.08 -12.95
CA SER C 162 -2.97 26.91 -11.90
C SER C 162 -3.08 28.37 -12.32
N TRP C 163 -2.79 29.27 -11.38
CA TRP C 163 -2.79 30.70 -11.62
C TRP C 163 -1.43 31.29 -11.30
N ASN C 164 -0.95 32.18 -12.20
CA ASN C 164 0.34 32.85 -12.04
C ASN C 164 1.44 31.83 -11.72
N SER C 165 1.40 30.69 -12.41
CA SER C 165 2.42 29.64 -12.34
C SER C 165 2.48 28.98 -10.97
N GLY C 166 1.35 28.88 -10.29
CA GLY C 166 1.32 28.40 -8.92
C GLY C 166 1.48 29.48 -7.86
N ALA C 167 1.96 30.67 -8.22
CA ALA C 167 2.17 31.69 -7.18
C ALA C 167 0.87 32.23 -6.60
N LEU C 168 -0.29 31.83 -7.15
CA LEU C 168 -1.59 32.25 -6.65
C LEU C 168 -2.43 31.00 -6.41
N THR C 169 -2.63 30.67 -5.15
CA THR C 169 -3.49 29.57 -4.73
C THR C 169 -4.64 30.00 -3.82
N SER C 170 -4.49 31.10 -3.10
CA SER C 170 -5.56 31.51 -2.20
C SER C 170 -6.78 31.97 -3.00
N GLY C 171 -7.95 31.44 -2.64
CA GLY C 171 -9.18 31.82 -3.31
C GLY C 171 -9.50 31.08 -4.60
N VAL C 172 -8.69 30.12 -5.00
CA VAL C 172 -8.83 29.49 -6.30
C VAL C 172 -9.82 28.33 -6.22
N HIS C 173 -10.74 28.25 -7.18
CA HIS C 173 -11.66 27.12 -7.28
C HIS C 173 -11.63 26.61 -8.71
N THR C 174 -11.13 25.40 -8.89
CA THR C 174 -11.10 24.73 -10.18
C THR C 174 -12.17 23.64 -10.11
N PHE C 175 -13.25 23.80 -10.87
CA PHE C 175 -14.39 22.91 -10.78
C PHE C 175 -14.12 21.56 -11.45
N PRO C 176 -14.81 20.50 -11.01
CA PRO C 176 -14.79 19.25 -11.79
C PRO C 176 -15.29 19.50 -13.20
N ALA C 177 -14.64 18.86 -14.17
CA ALA C 177 -15.08 18.98 -15.56
C ALA C 177 -16.50 18.44 -15.73
N VAL C 178 -17.20 19.01 -16.69
CA VAL C 178 -18.52 18.58 -17.13
C VAL C 178 -18.36 17.92 -18.49
N LEU C 179 -19.05 16.79 -18.68
CA LEU C 179 -19.14 16.18 -20.00
C LEU C 179 -20.38 16.74 -20.70
N GLN C 180 -20.19 17.31 -21.89
CA GLN C 180 -21.26 17.92 -22.67
C GLN C 180 -21.84 16.94 -23.70
N SER C 181 -22.95 17.35 -24.32
CA SER C 181 -23.66 16.48 -25.25
C SER C 181 -22.81 16.15 -26.47
N SER C 182 -21.95 17.09 -26.87
CA SER C 182 -20.98 16.92 -27.95
C SER C 182 -19.97 15.80 -27.71
N GLY C 183 -19.90 15.22 -26.51
CA GLY C 183 -18.81 14.33 -26.15
C GLY C 183 -17.57 15.00 -25.60
N LEU C 184 -17.44 16.33 -25.68
CA LEU C 184 -16.28 17.03 -25.15
C LEU C 184 -16.51 17.45 -23.70
N TYR C 185 -15.42 17.72 -23.01
CA TYR C 185 -15.42 18.21 -21.64
C TYR C 185 -15.26 19.73 -21.61
N SER C 186 -15.71 20.31 -20.49
CA SER C 186 -15.55 21.72 -20.19
C SER C 186 -15.33 21.84 -18.70
N LEU C 187 -14.46 22.76 -18.27
CA LEU C 187 -14.51 23.15 -16.87
C LEU C 187 -14.25 24.65 -16.76
N SER C 188 -14.36 25.16 -15.54
CA SER C 188 -13.97 26.52 -15.24
C SER C 188 -13.09 26.53 -14.01
N SER C 189 -12.16 27.47 -14.00
CA SER C 189 -11.34 27.78 -12.83
C SER C 189 -11.56 29.24 -12.50
N VAL C 190 -11.95 29.53 -11.25
CA VAL C 190 -12.20 30.88 -10.78
C VAL C 190 -11.34 31.19 -9.57
N VAL C 191 -11.12 32.49 -9.37
CA VAL C 191 -10.43 32.99 -8.19
C VAL C 191 -11.05 34.32 -7.81
N THR C 192 -11.22 34.54 -6.50
CA THR C 192 -11.60 35.83 -5.97
C THR C 192 -10.35 36.59 -5.51
N VAL C 193 -10.27 37.86 -5.88
CA VAL C 193 -9.12 38.71 -5.58
C VAL C 193 -9.65 40.08 -5.13
N PRO C 194 -8.81 40.89 -4.51
CA PRO C 194 -9.25 42.24 -4.14
C PRO C 194 -9.63 43.05 -5.37
N SER C 195 -10.80 43.68 -5.33
CA SER C 195 -11.23 44.53 -6.42
C SER C 195 -10.25 45.67 -6.68
N SER C 196 -9.46 46.06 -5.67
CA SER C 196 -8.52 47.15 -5.86
C SER C 196 -7.30 46.72 -6.68
N SER C 197 -7.04 45.43 -6.79
CA SER C 197 -5.83 44.94 -7.44
C SER C 197 -5.98 44.77 -8.95
N LEU C 198 -7.18 44.96 -9.51
CA LEU C 198 -7.40 44.62 -10.91
C LEU C 198 -6.53 45.45 -11.87
N GLY C 199 -5.97 46.56 -11.42
CA GLY C 199 -5.00 47.24 -12.24
C GLY C 199 -3.58 46.79 -11.95
N THR C 200 -3.24 46.66 -10.66
CA THR C 200 -1.87 46.47 -10.21
C THR C 200 -1.46 45.01 -10.08
N GLN C 201 -2.05 44.10 -10.85
CA GLN C 201 -1.67 42.69 -10.71
C GLN C 201 -2.10 41.91 -11.93
N THR C 202 -1.16 41.27 -12.60
CA THR C 202 -1.47 40.40 -13.72
C THR C 202 -2.02 39.07 -13.21
N TYR C 203 -3.08 38.59 -13.86
CA TYR C 203 -3.64 37.27 -13.58
C TYR C 203 -3.60 36.46 -14.87
N ILE C 204 -2.92 35.32 -14.83
CA ILE C 204 -2.78 34.44 -15.96
C ILE C 204 -3.19 33.06 -15.50
N CYS C 205 -4.06 32.42 -16.24
CA CYS C 205 -4.34 31.03 -15.92
C CYS C 205 -3.57 30.10 -16.85
N ASN C 206 -3.01 29.06 -16.26
CA ASN C 206 -2.17 28.11 -16.95
C ASN C 206 -2.92 26.79 -17.01
N VAL C 207 -3.27 26.38 -18.22
CA VAL C 207 -4.05 25.18 -18.46
C VAL C 207 -3.11 24.13 -19.09
N ASN C 208 -3.08 22.94 -18.51
CA ASN C 208 -2.27 21.85 -19.03
C ASN C 208 -3.14 20.67 -19.41
N HIS C 209 -2.97 20.19 -20.64
CA HIS C 209 -3.74 19.08 -21.17
C HIS C 209 -2.76 18.06 -21.73
N LYS C 210 -2.18 17.26 -20.85
CA LYS C 210 -1.22 16.25 -21.27
C LYS C 210 -1.72 15.34 -22.37
N PRO C 211 -2.96 14.85 -22.36
CA PRO C 211 -3.40 13.98 -23.47
C PRO C 211 -3.25 14.57 -24.87
N SER C 212 -3.30 15.89 -25.06
CA SER C 212 -3.06 16.43 -26.40
C SER C 212 -1.71 17.10 -26.52
N ASN C 213 -0.87 16.98 -25.50
CA ASN C 213 0.45 17.62 -25.49
C ASN C 213 0.34 19.11 -25.72
N THR C 214 -0.58 19.73 -24.98
CA THR C 214 -0.81 21.15 -25.16
C THR C 214 -0.95 21.82 -23.80
N LYS C 215 -0.36 23.00 -23.71
CA LYS C 215 -0.42 23.89 -22.56
C LYS C 215 -0.78 25.26 -23.10
N VAL C 216 -1.72 25.90 -22.42
CA VAL C 216 -2.23 27.20 -22.75
C VAL C 216 -2.08 28.08 -21.51
N ASP C 217 -1.62 29.31 -21.72
CA ASP C 217 -1.61 30.41 -20.75
C ASP C 217 -2.52 31.52 -21.27
N LYS C 218 -3.43 32.00 -20.43
CA LYS C 218 -4.38 33.01 -20.85
C LYS C 218 -4.38 34.14 -19.82
N LYS C 219 -4.10 35.36 -20.27
CA LYS C 219 -4.15 36.51 -19.37
C LYS C 219 -5.59 37.03 -19.29
N VAL C 220 -6.09 37.16 -18.07
CA VAL C 220 -7.47 37.59 -17.83
C VAL C 220 -7.45 39.00 -17.27
N GLU C 221 -8.20 39.90 -17.88
CA GLU C 221 -8.15 41.30 -17.47
C GLU C 221 -9.50 41.92 -17.69
N PRO C 222 -9.72 43.15 -17.17
CA PRO C 222 -11.01 43.86 -17.40
C PRO C 222 -11.20 44.35 -18.83
#